data_8B06
#
_entry.id   8B06
#
_cell.length_a   181.789
_cell.length_b   59.048
_cell.length_c   67.092
_cell.angle_alpha   90.000
_cell.angle_beta   94.680
_cell.angle_gamma   90.000
#
_symmetry.space_group_name_H-M   'C 1 2 1'
#
loop_
_entity.id
_entity.type
_entity.pdbx_description
1 polymer 'Tryptophan synthase alpha chain'
2 polymer 'Tryptophan synthase beta chain'
3 non-polymer "PYRIDOXAL-5'-PHOSPHATE"
4 non-polymer 'CESIUM ION'
5 non-polymer SERINE
6 non-polymer 'CHLORIDE ION'
7 water water
#
loop_
_entity_poly.entity_id
_entity_poly.type
_entity_poly.pdbx_seq_one_letter_code
_entity_poly.pdbx_strand_id
1 'polypeptide(L)'
;MERYENLFAQLNDRREGAFVPFVTLGDPGIEQSLKIIDTLIDAGADALELGVPFSDPLADGPTIQNANLRAFAAGVTPAQ
CFEMLALIREKHPTIPIGLLMYANLVFNNGIDAFYARCEQVGVDSVLVADVPVEESAPFRQAALRHNIAPIFICPPNADD
DLLRQVASYGRGYTYLLSRSGVTGAENRGALPLHHLIEKLKEYHAAPALQGFGISSPEQVSAAVRAGAAGAISGSAIVKI
IEKNLASPKQMLAELRSFVSAMKAASRA
;
A
2 'polypeptide(L)'
;MTTLLNPYFGEFGGMYVPQILMPALNQLEEAFVSAQKDPEFQAQFADLLKNYAGRPTALTKCQNITAGTRTTLYLKREDL
LHGGAHKTNQVLGQALLAKRMGKSEIIAETGAGQHGVASALASALLGLKCRIYMGAKDVERQSPNVFRMRLMGAEVIPVH
SGSATLKDACNEALRDWSGSYETAHYMLGTAAGPHPYPTIVREFQRMIGEETKAQILDKEGRLPDAVIACVGGGSNAIGM
FADFINDTSVGLIGVEPGGHGIETGEHGAPLKHGRVGIYFGMKAPMMQTADGQIEESYSISAGLDFPSVGPQHAYLNSIG
RADYVSITDDEALEAFKTLCRHEGIIPALESSHALAHALKMMREQPEKEQLLVVNLSGRGDKDIFTVHDILKARGEI
;
B
#
loop_
_chem_comp.id
_chem_comp.type
_chem_comp.name
_chem_comp.formula
CL non-polymer 'CHLORIDE ION' 'Cl -1'
CS non-polymer 'CESIUM ION' 'Cs 1'
PLP non-polymer PYRIDOXAL-5'-PHOSPHATE 'C8 H10 N O6 P'
#
# COMPACT_ATOMS: atom_id res chain seq x y z
N MET A 1 4.78 -8.25 -33.70
CA MET A 1 4.12 -8.66 -34.92
C MET A 1 2.67 -9.02 -34.66
N GLU A 2 2.15 -8.50 -33.54
CA GLU A 2 0.81 -8.83 -33.03
C GLU A 2 0.53 -10.32 -33.13
N ARG A 3 1.17 -11.11 -32.28
CA ARG A 3 0.92 -12.55 -32.24
C ARG A 3 -0.47 -12.87 -31.70
N TYR A 4 -1.12 -11.90 -31.04
CA TYR A 4 -2.47 -12.13 -30.54
C TYR A 4 -3.49 -12.10 -31.68
N GLU A 5 -3.39 -11.10 -32.56
CA GLU A 5 -4.28 -11.03 -33.71
C GLU A 5 -4.15 -12.27 -34.59
N ASN A 6 -2.93 -12.80 -34.70
CA ASN A 6 -2.72 -13.98 -35.52
C ASN A 6 -3.09 -15.27 -34.80
N LEU A 7 -3.00 -15.29 -33.47
CA LEU A 7 -3.48 -16.47 -32.74
C LEU A 7 -5.00 -16.50 -32.70
N PHE A 8 -5.63 -15.35 -32.42
CA PHE A 8 -7.10 -15.30 -32.39
C PHE A 8 -7.69 -15.57 -33.77
N ALA A 9 -7.02 -15.10 -34.82
CA ALA A 9 -7.48 -15.41 -36.17
C ALA A 9 -7.40 -16.91 -36.44
N GLN A 10 -6.29 -17.54 -36.07
CA GLN A 10 -6.17 -18.98 -36.23
C GLN A 10 -7.25 -19.71 -35.44
N LEU A 11 -7.28 -19.49 -34.12
CA LEU A 11 -8.25 -20.17 -33.26
C LEU A 11 -9.68 -19.95 -33.74
N ASN A 12 -9.95 -18.82 -34.38
CA ASN A 12 -11.28 -18.61 -34.96
C ASN A 12 -11.47 -19.48 -36.19
N ASP A 13 -10.41 -19.67 -36.99
CA ASP A 13 -10.50 -20.47 -38.20
C ASP A 13 -10.71 -21.95 -37.89
N ARG A 14 -10.37 -22.38 -36.69
CA ARG A 14 -10.65 -23.75 -36.24
C ARG A 14 -11.73 -23.78 -35.17
N ARG A 15 -12.47 -22.69 -34.99
CA ARG A 15 -13.53 -22.59 -34.00
C ARG A 15 -13.07 -23.14 -32.64
N GLU A 16 -11.89 -22.69 -32.23
CA GLU A 16 -11.29 -23.07 -30.97
C GLU A 16 -11.27 -21.88 -30.02
N GLY A 17 -11.07 -22.19 -28.74
CA GLY A 17 -10.81 -21.16 -27.75
C GLY A 17 -9.37 -21.23 -27.29
N ALA A 18 -8.84 -20.14 -26.73
CA ALA A 18 -7.47 -20.12 -26.25
C ALA A 18 -7.41 -20.62 -24.82
N PHE A 19 -6.36 -21.37 -24.51
CA PHE A 19 -6.03 -21.72 -23.12
C PHE A 19 -4.70 -21.08 -22.77
N VAL A 20 -4.70 -20.22 -21.76
CA VAL A 20 -3.54 -19.44 -21.36
C VAL A 20 -3.22 -19.79 -19.92
N PRO A 21 -2.19 -20.60 -19.68
CA PRO A 21 -1.76 -20.87 -18.31
C PRO A 21 -0.88 -19.76 -17.77
N PHE A 22 -0.82 -19.67 -16.44
CA PHE A 22 -0.03 -18.67 -15.74
C PHE A 22 0.95 -19.35 -14.79
N VAL A 23 2.19 -18.85 -14.78
CA VAL A 23 3.21 -19.27 -13.83
C VAL A 23 4.07 -18.06 -13.49
N THR A 24 4.76 -18.15 -12.34
CA THR A 24 5.73 -17.15 -11.94
C THR A 24 7.11 -17.54 -12.44
N LEU A 25 7.78 -16.62 -13.12
CA LEU A 25 9.08 -16.91 -13.70
C LEU A 25 10.11 -17.20 -12.62
N GLY A 26 10.87 -18.28 -12.80
CA GLY A 26 11.85 -18.68 -11.83
C GLY A 26 11.32 -19.45 -10.64
N ASP A 27 10.09 -19.95 -10.72
CA ASP A 27 9.48 -20.72 -9.64
C ASP A 27 9.38 -22.17 -10.07
N PRO A 28 9.98 -23.12 -9.32
CA PRO A 28 10.73 -22.88 -8.09
C PRO A 28 12.19 -22.49 -8.33
N GLY A 29 12.64 -22.63 -9.58
CA GLY A 29 13.99 -22.25 -9.94
C GLY A 29 14.04 -21.75 -11.35
N ILE A 30 15.16 -21.13 -11.70
CA ILE A 30 15.35 -20.62 -13.06
C ILE A 30 15.24 -21.76 -14.08
N GLU A 31 16.09 -22.77 -13.92
CA GLU A 31 16.12 -23.87 -14.89
C GLU A 31 14.82 -24.66 -14.83
N GLN A 32 14.27 -24.88 -13.64
CA GLN A 32 13.02 -25.63 -13.53
C GLN A 32 11.86 -24.88 -14.18
N SER A 33 11.80 -23.57 -13.97
CA SER A 33 10.72 -22.78 -14.57
C SER A 33 10.80 -22.77 -16.09
N LEU A 34 12.02 -22.74 -16.64
CA LEU A 34 12.17 -22.79 -18.09
C LEU A 34 11.64 -24.10 -18.65
N LYS A 35 11.95 -25.22 -17.99
CA LYS A 35 11.41 -26.49 -18.43
C LYS A 35 9.91 -26.59 -18.15
N ILE A 36 9.42 -25.88 -17.13
CA ILE A 36 7.98 -25.85 -16.88
C ILE A 36 7.25 -25.14 -18.02
N ILE A 37 7.77 -23.99 -18.43
CA ILE A 37 7.16 -23.23 -19.53
C ILE A 37 7.23 -24.03 -20.83
N ASP A 38 8.34 -24.72 -21.05
CA ASP A 38 8.45 -25.58 -22.24
C ASP A 38 7.41 -26.70 -22.21
N THR A 39 7.13 -27.22 -21.02
CA THR A 39 6.12 -28.26 -20.89
C THR A 39 4.72 -27.72 -21.18
N LEU A 40 4.44 -26.50 -20.74
CA LEU A 40 3.12 -25.92 -20.96
C LEU A 40 2.84 -25.69 -22.44
N ILE A 41 3.85 -25.27 -23.20
CA ILE A 41 3.64 -24.94 -24.61
C ILE A 41 3.46 -26.20 -25.44
N ASP A 42 4.25 -27.23 -25.18
CA ASP A 42 4.08 -28.49 -25.90
C ASP A 42 2.74 -29.13 -25.55
N ALA A 43 2.31 -29.00 -24.29
CA ALA A 43 1.05 -29.59 -23.88
C ALA A 43 -0.13 -29.01 -24.67
N GLY A 44 -0.01 -27.77 -25.11
CA GLY A 44 -1.05 -27.17 -25.93
C GLY A 44 -1.44 -25.76 -25.53
N ALA A 45 -0.59 -25.09 -24.75
CA ALA A 45 -0.86 -23.71 -24.38
C ALA A 45 -0.85 -22.82 -25.61
N ASP A 46 -1.88 -21.99 -25.76
CA ASP A 46 -1.97 -21.08 -26.90
C ASP A 46 -1.23 -19.78 -26.65
N ALA A 47 -1.27 -19.27 -25.43
CA ALA A 47 -0.53 -18.08 -25.06
C ALA A 47 0.07 -18.29 -23.68
N LEU A 48 0.83 -17.31 -23.22
CA LEU A 48 1.49 -17.38 -21.92
C LEU A 48 1.27 -16.08 -21.16
N GLU A 49 0.83 -16.19 -19.92
N GLU A 49 0.83 -16.21 -19.91
CA GLU A 49 0.81 -15.08 -18.99
CA GLU A 49 0.80 -15.11 -18.96
C GLU A 49 1.83 -15.38 -17.90
C GLU A 49 1.85 -15.40 -17.91
N LEU A 50 2.85 -14.53 -17.79
CA LEU A 50 3.99 -14.76 -16.91
C LEU A 50 4.09 -13.64 -15.87
N GLY A 51 4.47 -14.01 -14.67
CA GLY A 51 4.60 -13.07 -13.56
C GLY A 51 6.05 -12.90 -13.15
N VAL A 52 6.43 -11.65 -12.90
CA VAL A 52 7.77 -11.35 -12.39
C VAL A 52 7.67 -11.27 -10.87
N PRO A 53 8.53 -11.98 -10.13
CA PRO A 53 8.42 -12.00 -8.67
C PRO A 53 8.53 -10.60 -8.08
N PHE A 54 7.46 -10.19 -7.40
CA PHE A 54 7.41 -8.91 -6.71
C PHE A 54 7.33 -9.15 -5.21
N SER A 55 7.99 -8.27 -4.45
CA SER A 55 8.06 -8.44 -3.00
C SER A 55 6.71 -8.25 -2.33
N ASP A 56 5.74 -7.64 -3.00
CA ASP A 56 4.46 -7.28 -2.36
C ASP A 56 3.33 -7.40 -3.38
N PRO A 57 2.96 -8.62 -3.74
CA PRO A 57 1.86 -8.81 -4.73
C PRO A 57 0.48 -8.68 -4.08
N LEU A 58 0.07 -7.43 -3.82
CA LEU A 58 -1.19 -7.18 -3.12
C LEU A 58 -2.42 -7.56 -3.92
N ALA A 59 -2.27 -8.00 -5.17
CA ALA A 59 -3.40 -8.37 -6.01
C ALA A 59 -3.44 -9.86 -6.33
N ASP A 60 -2.66 -10.68 -5.63
CA ASP A 60 -2.62 -12.11 -5.88
C ASP A 60 -2.92 -12.88 -4.61
N GLY A 61 -3.52 -14.06 -4.78
CA GLY A 61 -3.87 -14.92 -3.67
C GLY A 61 -2.66 -15.62 -3.09
N PRO A 62 -2.90 -16.44 -2.07
CA PRO A 62 -1.78 -17.08 -1.36
C PRO A 62 -0.99 -18.05 -2.22
N THR A 63 -1.63 -18.73 -3.17
CA THR A 63 -0.91 -19.73 -3.97
C THR A 63 0.15 -19.06 -4.84
N ILE A 64 -0.15 -17.88 -5.39
CA ILE A 64 0.87 -17.15 -6.14
C ILE A 64 1.79 -16.39 -5.21
N GLN A 65 1.28 -15.96 -4.05
CA GLN A 65 2.15 -15.38 -3.03
C GLN A 65 3.31 -16.31 -2.70
N ASN A 66 3.04 -17.61 -2.60
CA ASN A 66 4.11 -18.57 -2.35
C ASN A 66 5.00 -18.77 -3.56
N ALA A 67 4.43 -18.61 -4.77
CA ALA A 67 5.25 -18.72 -5.98
C ALA A 67 6.32 -17.63 -6.02
N ASN A 68 5.97 -16.42 -5.56
CA ASN A 68 6.97 -15.35 -5.47
C ASN A 68 8.02 -15.67 -4.42
N LEU A 69 7.60 -16.22 -3.28
CA LEU A 69 8.55 -16.62 -2.25
C LEU A 69 9.45 -17.74 -2.74
N ARG A 70 8.88 -18.73 -3.44
CA ARG A 70 9.69 -19.79 -4.02
C ARG A 70 10.70 -19.25 -5.03
N ALA A 71 10.34 -18.18 -5.74
CA ALA A 71 11.25 -17.60 -6.72
C ALA A 71 12.30 -16.72 -6.05
N PHE A 72 11.89 -15.92 -5.06
CA PHE A 72 12.86 -15.12 -4.31
C PHE A 72 13.84 -16.01 -3.56
N ALA A 73 13.38 -17.17 -3.08
CA ALA A 73 14.28 -18.10 -2.41
C ALA A 73 15.34 -18.62 -3.36
N ALA A 74 14.98 -18.82 -4.62
CA ALA A 74 15.95 -19.18 -5.66
C ALA A 74 16.77 -17.99 -6.13
N GLY A 75 16.43 -16.78 -5.72
CA GLY A 75 17.22 -15.61 -6.06
C GLY A 75 16.89 -14.96 -7.38
N VAL A 76 15.73 -15.27 -7.95
CA VAL A 76 15.34 -14.69 -9.24
C VAL A 76 15.09 -13.20 -9.08
N THR A 77 15.70 -12.40 -9.93
CA THR A 77 15.53 -10.96 -9.95
C THR A 77 14.91 -10.53 -11.28
N PRO A 78 14.28 -9.36 -11.35
CA PRO A 78 13.80 -8.86 -12.65
C PRO A 78 14.84 -8.91 -13.75
N ALA A 79 16.13 -8.87 -13.42
CA ALA A 79 17.16 -8.91 -14.45
C ALA A 79 17.20 -10.26 -15.15
N GLN A 80 17.23 -11.35 -14.37
CA GLN A 80 17.24 -12.66 -15.01
C GLN A 80 15.86 -13.11 -15.45
N CYS A 81 14.79 -12.41 -15.04
CA CYS A 81 13.48 -12.70 -15.59
C CYS A 81 13.42 -12.36 -17.07
N PHE A 82 14.10 -11.28 -17.46
CA PHE A 82 14.06 -10.85 -18.85
C PHE A 82 15.02 -11.63 -19.73
N GLU A 83 16.11 -12.16 -19.16
CA GLU A 83 16.92 -13.09 -19.92
C GLU A 83 16.20 -14.43 -20.08
N MET A 84 15.36 -14.79 -19.11
CA MET A 84 14.45 -15.91 -19.32
C MET A 84 13.48 -15.63 -20.44
N LEU A 85 12.81 -14.46 -20.38
CA LEU A 85 11.85 -14.09 -21.42
C LEU A 85 12.49 -14.10 -22.80
N ALA A 86 13.75 -13.64 -22.90
CA ALA A 86 14.44 -13.66 -24.18
C ALA A 86 14.65 -15.09 -24.66
N LEU A 87 15.07 -15.99 -23.76
CA LEU A 87 15.28 -17.38 -24.15
C LEU A 87 13.98 -18.05 -24.57
N ILE A 88 12.88 -17.72 -23.89
CA ILE A 88 11.59 -18.31 -24.24
C ILE A 88 11.13 -17.84 -25.62
N ARG A 89 11.34 -16.55 -25.92
CA ARG A 89 10.98 -16.04 -27.24
C ARG A 89 11.80 -16.71 -28.33
N GLU A 90 13.09 -16.92 -28.08
CA GLU A 90 13.92 -17.57 -29.08
C GLU A 90 13.58 -19.05 -29.25
N LYS A 91 12.83 -19.64 -28.31
CA LYS A 91 12.40 -21.03 -28.47
C LYS A 91 11.04 -21.16 -29.12
N HIS A 92 10.16 -20.17 -28.94
CA HIS A 92 8.79 -20.22 -29.44
C HIS A 92 8.45 -18.87 -30.05
N PRO A 93 8.67 -18.71 -31.36
CA PRO A 93 8.52 -17.37 -31.96
C PRO A 93 7.08 -16.92 -32.09
N THR A 94 6.12 -17.84 -32.18
CA THR A 94 4.75 -17.48 -32.50
C THR A 94 3.85 -17.30 -31.29
N ILE A 95 4.18 -17.90 -30.15
CA ILE A 95 3.24 -17.89 -29.02
C ILE A 95 3.19 -16.50 -28.41
N PRO A 96 2.01 -15.99 -28.05
CA PRO A 96 1.94 -14.69 -27.37
C PRO A 96 2.39 -14.80 -25.92
N ILE A 97 3.29 -13.90 -25.52
CA ILE A 97 3.85 -13.89 -24.18
C ILE A 97 3.33 -12.64 -23.46
N GLY A 98 2.58 -12.85 -22.39
CA GLY A 98 2.04 -11.76 -21.59
C GLY A 98 2.69 -11.71 -20.23
N LEU A 99 2.82 -10.51 -19.70
CA LEU A 99 3.44 -10.28 -18.39
C LEU A 99 2.41 -9.74 -17.42
N LEU A 100 2.35 -10.33 -16.24
CA LEU A 100 1.64 -9.75 -15.10
C LEU A 100 2.67 -9.02 -14.26
N MET A 101 2.57 -7.70 -14.22
CA MET A 101 3.52 -6.86 -13.52
C MET A 101 2.84 -6.13 -12.38
N TYR A 102 3.67 -5.56 -11.50
CA TYR A 102 3.24 -4.58 -10.52
C TYR A 102 3.93 -3.26 -10.82
N ALA A 103 3.28 -2.16 -10.42
CA ALA A 103 3.63 -0.86 -10.96
C ALA A 103 5.05 -0.44 -10.60
N ASN A 104 5.58 -0.90 -9.46
CA ASN A 104 6.90 -0.45 -9.04
C ASN A 104 8.01 -0.99 -9.95
N LEU A 105 7.94 -2.28 -10.29
CA LEU A 105 8.95 -2.87 -11.17
C LEU A 105 8.93 -2.23 -12.56
N VAL A 106 7.81 -1.63 -12.97
CA VAL A 106 7.75 -0.93 -14.23
C VAL A 106 8.31 0.49 -14.08
N PHE A 107 7.92 1.16 -13.00
CA PHE A 107 8.32 2.53 -12.73
C PHE A 107 9.79 2.65 -12.32
N ASN A 108 10.38 1.56 -11.84
CA ASN A 108 11.67 1.63 -11.14
C ASN A 108 12.75 2.25 -12.00
N ASN A 109 13.04 1.63 -13.15
CA ASN A 109 14.05 2.12 -14.09
C ASN A 109 13.46 2.97 -15.19
N GLY A 110 12.40 3.71 -14.89
CA GLY A 110 11.70 4.47 -15.91
C GLY A 110 10.65 3.62 -16.60
N ILE A 111 9.44 4.17 -16.76
CA ILE A 111 8.36 3.42 -17.38
C ILE A 111 8.71 3.05 -18.81
N ASP A 112 9.12 4.04 -19.61
CA ASP A 112 9.40 3.80 -21.02
C ASP A 112 10.57 2.85 -21.20
N ALA A 113 11.51 2.83 -20.26
CA ALA A 113 12.64 1.90 -20.38
C ALA A 113 12.22 0.47 -20.11
N PHE A 114 11.25 0.26 -19.22
CA PHE A 114 10.77 -1.09 -18.93
C PHE A 114 10.12 -1.71 -20.16
N TYR A 115 9.25 -0.94 -20.84
CA TYR A 115 8.61 -1.46 -22.04
C TYR A 115 9.60 -1.58 -23.20
N ALA A 116 10.68 -0.80 -23.17
CA ALA A 116 11.71 -0.91 -24.19
C ALA A 116 12.42 -2.26 -24.12
N ARG A 117 12.64 -2.77 -22.90
CA ARG A 117 13.31 -4.06 -22.75
C ARG A 117 12.36 -5.22 -23.04
N CYS A 118 11.07 -5.05 -22.76
CA CYS A 118 10.09 -6.06 -23.19
C CYS A 118 10.10 -6.22 -24.69
N GLU A 119 10.12 -5.11 -25.43
CA GLU A 119 10.20 -5.18 -26.88
C GLU A 119 11.51 -5.81 -27.33
N GLN A 120 12.59 -5.59 -26.58
CA GLN A 120 13.88 -6.19 -26.93
C GLN A 120 13.84 -7.71 -26.80
N VAL A 121 13.08 -8.23 -25.83
CA VAL A 121 13.02 -9.67 -25.60
C VAL A 121 11.80 -10.31 -26.26
N GLY A 122 10.93 -9.53 -26.89
CA GLY A 122 9.81 -10.08 -27.62
C GLY A 122 8.52 -10.24 -26.85
N VAL A 123 8.36 -9.53 -25.73
CA VAL A 123 7.12 -9.61 -24.96
C VAL A 123 5.99 -8.94 -25.74
N ASP A 124 4.85 -9.61 -25.81
CA ASP A 124 3.72 -9.12 -26.58
C ASP A 124 2.81 -8.19 -25.79
N SER A 125 2.58 -8.48 -24.51
CA SER A 125 1.61 -7.71 -23.73
C SER A 125 2.09 -7.61 -22.29
N VAL A 126 1.55 -6.61 -21.59
CA VAL A 126 1.83 -6.40 -20.17
C VAL A 126 0.56 -5.92 -19.50
N LEU A 127 0.15 -6.61 -18.44
CA LEU A 127 -0.88 -6.12 -17.53
C LEU A 127 -0.20 -5.71 -16.24
N VAL A 128 -0.38 -4.45 -15.84
CA VAL A 128 0.13 -3.97 -14.57
C VAL A 128 -1.01 -4.07 -13.56
N ALA A 129 -0.88 -5.03 -12.63
CA ALA A 129 -2.01 -5.42 -11.79
C ALA A 129 -2.55 -4.28 -10.94
N ASP A 130 -1.69 -3.33 -10.55
CA ASP A 130 -2.10 -2.27 -9.62
C ASP A 130 -2.13 -0.90 -10.28
N VAL A 131 -2.36 -0.85 -11.59
CA VAL A 131 -2.63 0.42 -12.27
C VAL A 131 -4.03 0.36 -12.87
N PRO A 132 -5.00 1.07 -12.32
CA PRO A 132 -6.33 1.09 -12.91
C PRO A 132 -6.33 1.90 -14.19
N VAL A 133 -7.40 1.72 -14.97
CA VAL A 133 -7.51 2.42 -16.25
C VAL A 133 -7.53 3.92 -16.07
N GLU A 134 -7.96 4.40 -14.89
CA GLU A 134 -7.95 5.84 -14.64
C GLU A 134 -6.55 6.39 -14.46
N GLU A 135 -5.59 5.56 -14.06
CA GLU A 135 -4.20 5.95 -13.91
C GLU A 135 -3.30 5.36 -14.99
N SER A 136 -3.90 4.92 -16.10
CA SER A 136 -3.19 4.12 -17.09
C SER A 136 -2.43 4.94 -18.12
N ALA A 137 -2.70 6.25 -18.22
CA ALA A 137 -2.21 7.07 -19.32
C ALA A 137 -0.72 6.86 -19.60
N PRO A 138 0.18 7.10 -18.64
CA PRO A 138 1.61 6.99 -18.97
C PRO A 138 2.05 5.57 -19.28
N PHE A 139 1.38 4.56 -18.72
CA PHE A 139 1.81 3.18 -18.93
C PHE A 139 1.44 2.69 -20.33
N ARG A 140 0.19 2.93 -20.75
CA ARG A 140 -0.23 2.45 -22.06
C ARG A 140 0.46 3.22 -23.18
N GLN A 141 0.77 4.50 -22.95
CA GLN A 141 1.51 5.27 -23.95
C GLN A 141 2.91 4.69 -24.16
N ALA A 142 3.61 4.38 -23.08
CA ALA A 142 4.91 3.73 -23.19
C ALA A 142 4.78 2.33 -23.79
N ALA A 143 3.68 1.63 -23.51
CA ALA A 143 3.49 0.30 -24.07
C ALA A 143 3.23 0.36 -25.57
N LEU A 144 2.43 1.33 -26.02
CA LEU A 144 2.16 1.46 -27.44
C LEU A 144 3.38 1.99 -28.20
N ARG A 145 4.21 2.80 -27.55
CA ARG A 145 5.43 3.29 -28.18
C ARG A 145 6.44 2.17 -28.42
N HIS A 146 6.26 1.00 -27.82
CA HIS A 146 7.17 -0.11 -28.01
C HIS A 146 6.41 -1.36 -28.46
N ASN A 147 5.26 -1.15 -29.10
CA ASN A 147 4.47 -2.23 -29.70
C ASN A 147 4.05 -3.28 -28.68
N ILE A 148 3.84 -2.85 -27.44
CA ILE A 148 3.33 -3.71 -26.37
C ILE A 148 1.84 -3.44 -26.22
N ALA A 149 1.08 -4.50 -25.97
CA ALA A 149 -0.36 -4.35 -25.74
C ALA A 149 -0.62 -4.10 -24.26
N PRO A 150 -1.24 -2.97 -23.90
CA PRO A 150 -1.64 -2.76 -22.50
C PRO A 150 -2.89 -3.57 -22.19
N ILE A 151 -2.76 -4.52 -21.26
CA ILE A 151 -3.86 -5.40 -20.87
C ILE A 151 -4.54 -4.81 -19.65
N PHE A 152 -5.88 -4.75 -19.69
CA PHE A 152 -6.67 -4.18 -18.63
C PHE A 152 -7.64 -5.21 -18.08
N ILE A 153 -7.79 -5.23 -16.77
CA ILE A 153 -8.72 -6.13 -16.09
C ILE A 153 -10.09 -5.48 -16.07
N CYS A 154 -11.10 -6.21 -16.53
CA CYS A 154 -12.49 -5.78 -16.44
C CYS A 154 -13.14 -6.59 -15.31
N PRO A 155 -13.37 -6.00 -14.14
CA PRO A 155 -13.83 -6.78 -12.99
C PRO A 155 -15.33 -7.03 -13.04
N PRO A 156 -15.86 -7.88 -12.17
CA PRO A 156 -17.32 -8.13 -12.19
C PRO A 156 -18.15 -6.92 -11.80
N ASN A 157 -17.59 -5.97 -11.06
CA ASN A 157 -18.31 -4.77 -10.64
C ASN A 157 -18.15 -3.62 -11.62
N ALA A 158 -18.00 -3.90 -12.91
CA ALA A 158 -17.69 -2.88 -13.90
C ALA A 158 -18.96 -2.17 -14.37
N ASP A 159 -18.97 -0.85 -14.27
CA ASP A 159 -20.06 -0.04 -14.80
C ASP A 159 -19.78 0.24 -16.27
N ASP A 160 -20.70 0.98 -16.91
CA ASP A 160 -20.57 1.19 -18.36
C ASP A 160 -19.37 2.06 -18.71
N ASP A 161 -19.02 3.01 -17.86
CA ASP A 161 -17.85 3.84 -18.14
C ASP A 161 -16.56 3.03 -18.13
N LEU A 162 -16.48 2.01 -17.27
CA LEU A 162 -15.29 1.18 -17.24
C LEU A 162 -15.20 0.30 -18.49
N LEU A 163 -16.33 -0.29 -18.91
CA LEU A 163 -16.31 -1.12 -20.12
C LEU A 163 -15.89 -0.29 -21.34
N ARG A 164 -16.31 0.98 -21.38
CA ARG A 164 -15.92 1.82 -22.50
C ARG A 164 -14.43 2.15 -22.49
N GLN A 165 -13.84 2.30 -21.30
CA GLN A 165 -12.42 2.60 -21.22
C GLN A 165 -11.58 1.38 -21.55
N VAL A 166 -11.97 0.21 -21.04
CA VAL A 166 -11.22 -1.02 -21.31
C VAL A 166 -11.28 -1.36 -22.80
N ALA A 167 -12.41 -1.08 -23.45
CA ALA A 167 -12.52 -1.34 -24.88
C ALA A 167 -11.64 -0.39 -25.68
N SER A 168 -11.60 0.88 -25.29
CA SER A 168 -10.85 1.88 -26.06
C SER A 168 -9.35 1.69 -25.88
N TYR A 169 -8.88 1.67 -24.63
CA TYR A 169 -7.45 1.66 -24.34
C TYR A 169 -6.82 0.27 -24.32
N GLY A 170 -7.63 -0.78 -24.31
CA GLY A 170 -7.11 -2.14 -24.23
C GLY A 170 -6.72 -2.67 -25.60
N ARG A 171 -5.62 -3.43 -25.63
CA ARG A 171 -5.14 -4.09 -26.82
C ARG A 171 -4.83 -5.55 -26.50
N GLY A 172 -4.59 -6.33 -27.54
CA GLY A 172 -4.27 -7.74 -27.37
C GLY A 172 -5.45 -8.56 -26.89
N TYR A 173 -5.76 -8.47 -25.60
CA TYR A 173 -6.89 -9.18 -25.05
C TYR A 173 -7.37 -8.45 -23.80
N THR A 174 -8.60 -8.75 -23.39
CA THR A 174 -9.21 -8.19 -22.20
C THR A 174 -9.25 -9.25 -21.12
N TYR A 175 -8.76 -8.91 -19.93
CA TYR A 175 -8.71 -9.84 -18.82
C TYR A 175 -10.05 -9.80 -18.08
N LEU A 176 -10.86 -10.84 -18.25
CA LEU A 176 -12.14 -10.96 -17.59
C LEU A 176 -11.99 -11.79 -16.32
N LEU A 177 -12.53 -11.29 -15.22
CA LEU A 177 -12.58 -12.03 -13.96
C LEU A 177 -13.97 -12.58 -13.66
N SER A 178 -15.02 -11.82 -13.97
CA SER A 178 -16.40 -12.27 -13.79
C SER A 178 -16.67 -12.77 -12.37
N PRO A 192 -23.79 -13.09 -14.29
CA PRO A 192 -23.74 -13.62 -15.64
C PRO A 192 -22.74 -12.87 -16.51
N LEU A 193 -21.58 -13.49 -16.78
CA LEU A 193 -20.60 -12.84 -17.63
C LEU A 193 -21.14 -12.60 -19.04
N HIS A 194 -22.18 -13.32 -19.45
CA HIS A 194 -22.73 -13.18 -20.79
C HIS A 194 -23.11 -11.74 -21.11
N HIS A 195 -23.58 -10.99 -20.10
CA HIS A 195 -23.91 -9.58 -20.34
C HIS A 195 -22.66 -8.73 -20.46
N LEU A 196 -21.58 -9.10 -19.75
CA LEU A 196 -20.33 -8.38 -19.88
C LEU A 196 -19.62 -8.71 -21.19
N ILE A 197 -19.78 -9.93 -21.70
CA ILE A 197 -19.13 -10.27 -22.98
C ILE A 197 -19.78 -9.49 -24.12
N GLU A 198 -21.11 -9.36 -24.08
CA GLU A 198 -21.83 -8.64 -25.13
C GLU A 198 -21.38 -7.20 -25.22
N LYS A 199 -21.32 -6.51 -24.08
CA LYS A 199 -20.96 -5.10 -24.06
C LYS A 199 -19.53 -4.86 -24.54
N LEU A 200 -18.63 -5.80 -24.28
CA LEU A 200 -17.26 -5.66 -24.77
C LEU A 200 -17.20 -5.85 -26.28
N LYS A 201 -17.97 -6.82 -26.81
CA LYS A 201 -18.09 -6.95 -28.25
C LYS A 201 -18.79 -5.74 -28.86
N GLU A 202 -19.76 -5.17 -28.14
CA GLU A 202 -20.44 -3.97 -28.62
C GLU A 202 -19.45 -2.82 -28.78
N TYR A 203 -18.65 -2.56 -27.76
CA TYR A 203 -17.68 -1.47 -27.78
C TYR A 203 -16.37 -1.86 -28.47
N HIS A 204 -16.35 -2.98 -29.19
CA HIS A 204 -15.18 -3.41 -29.97
C HIS A 204 -13.94 -3.57 -29.09
N ALA A 205 -14.12 -4.17 -27.92
CA ALA A 205 -12.99 -4.46 -27.05
C ALA A 205 -12.18 -5.62 -27.60
N ALA A 206 -10.93 -5.70 -27.12
CA ALA A 206 -10.08 -6.82 -27.50
C ALA A 206 -10.70 -8.14 -27.01
N PRO A 207 -10.40 -9.25 -27.66
CA PRO A 207 -11.00 -10.53 -27.27
C PRO A 207 -10.80 -10.80 -25.78
N ALA A 208 -11.89 -11.16 -25.11
CA ALA A 208 -11.90 -11.32 -23.66
C ALA A 208 -11.47 -12.73 -23.28
N LEU A 209 -10.50 -12.82 -22.38
CA LEU A 209 -10.07 -14.08 -21.79
C LEU A 209 -10.54 -14.12 -20.34
N GLN A 210 -11.33 -15.14 -20.02
CA GLN A 210 -11.88 -15.31 -18.67
C GLN A 210 -10.81 -15.95 -17.79
N GLY A 211 -10.33 -15.21 -16.79
CA GLY A 211 -9.33 -15.75 -15.90
C GLY A 211 -9.70 -15.61 -14.44
N PHE A 212 -10.32 -16.64 -13.87
CA PHE A 212 -10.77 -16.58 -12.49
C PHE A 212 -11.16 -17.96 -11.98
N GLY A 213 -10.28 -18.59 -11.21
CA GLY A 213 -10.56 -19.93 -10.72
C GLY A 213 -10.77 -20.96 -11.79
N ILE A 214 -10.31 -20.70 -13.02
CA ILE A 214 -10.41 -21.67 -14.10
C ILE A 214 -9.59 -22.89 -13.74
N SER A 215 -10.24 -23.89 -13.15
CA SER A 215 -9.57 -25.07 -12.62
C SER A 215 -9.81 -26.33 -13.43
N SER A 216 -11.03 -26.57 -13.86
CA SER A 216 -11.40 -27.79 -14.54
C SER A 216 -11.57 -27.55 -16.03
N PRO A 217 -11.53 -28.61 -16.85
CA PRO A 217 -11.87 -28.44 -18.28
C PRO A 217 -13.28 -27.93 -18.51
N GLU A 218 -14.19 -28.14 -17.56
CA GLU A 218 -15.56 -27.66 -17.75
C GLU A 218 -15.64 -26.14 -17.72
N GLN A 219 -14.72 -25.47 -17.03
CA GLN A 219 -14.74 -24.02 -16.99
C GLN A 219 -14.13 -23.39 -18.23
N VAL A 220 -13.14 -24.04 -18.83
CA VAL A 220 -12.63 -23.60 -20.14
C VAL A 220 -13.74 -23.69 -21.18
N SER A 221 -14.46 -24.82 -21.18
CA SER A 221 -15.55 -25.01 -22.13
C SER A 221 -16.65 -23.97 -21.92
N ALA A 222 -17.07 -23.77 -20.67
CA ALA A 222 -18.15 -22.83 -20.39
C ALA A 222 -17.77 -21.40 -20.75
N ALA A 223 -16.50 -21.03 -20.57
CA ALA A 223 -16.07 -19.67 -20.91
C ALA A 223 -16.22 -19.42 -22.41
N VAL A 224 -15.81 -20.38 -23.24
CA VAL A 224 -15.95 -20.22 -24.68
C VAL A 224 -17.42 -20.15 -25.08
N ARG A 225 -18.23 -21.09 -24.56
CA ARG A 225 -19.67 -21.07 -24.87
C ARG A 225 -20.30 -19.74 -24.46
N ALA A 226 -19.81 -19.14 -23.37
CA ALA A 226 -20.34 -17.88 -22.89
C ALA A 226 -20.01 -16.71 -23.82
N GLY A 227 -19.09 -16.90 -24.77
CA GLY A 227 -18.72 -15.85 -25.70
C GLY A 227 -17.30 -15.36 -25.56
N ALA A 228 -16.61 -15.70 -24.47
CA ALA A 228 -15.22 -15.30 -24.31
C ALA A 228 -14.34 -16.03 -25.33
N ALA A 229 -13.18 -15.43 -25.61
CA ALA A 229 -12.24 -15.99 -26.57
C ALA A 229 -11.34 -17.05 -25.97
N GLY A 230 -11.42 -17.30 -24.68
CA GLY A 230 -10.59 -18.29 -24.04
C GLY A 230 -10.57 -18.12 -22.54
N ALA A 231 -9.78 -18.98 -21.89
CA ALA A 231 -9.72 -19.02 -20.43
C ALA A 231 -8.27 -18.93 -19.97
N ILE A 232 -8.06 -18.22 -18.87
CA ILE A 232 -6.75 -18.06 -18.26
C ILE A 232 -6.75 -18.79 -16.92
N SER A 233 -5.83 -19.74 -16.76
CA SER A 233 -5.71 -20.53 -15.54
C SER A 233 -4.52 -20.02 -14.76
N GLY A 234 -4.78 -19.44 -13.58
CA GLY A 234 -3.72 -18.91 -12.75
C GLY A 234 -3.23 -19.86 -11.68
N SER A 235 -3.99 -19.95 -10.58
CA SER A 235 -3.55 -20.78 -9.45
C SER A 235 -3.50 -22.26 -9.79
N ALA A 236 -4.25 -22.72 -10.81
CA ALA A 236 -4.35 -24.14 -11.06
C ALA A 236 -3.01 -24.75 -11.46
N ILE A 237 -2.24 -24.04 -12.28
CA ILE A 237 -0.94 -24.55 -12.73
C ILE A 237 0.08 -24.48 -11.60
N VAL A 238 0.11 -23.35 -10.90
CA VAL A 238 1.08 -23.16 -9.82
C VAL A 238 0.78 -24.12 -8.67
N LYS A 239 -0.50 -24.46 -8.47
CA LYS A 239 -0.83 -25.49 -7.48
C LYS A 239 -0.18 -26.82 -7.83
N ILE A 240 -0.20 -27.18 -9.12
CA ILE A 240 0.44 -28.42 -9.55
C ILE A 240 1.95 -28.36 -9.32
N ILE A 241 2.56 -27.20 -9.62
CA ILE A 241 3.98 -27.02 -9.32
C ILE A 241 4.23 -27.09 -7.82
N GLU A 242 3.37 -26.41 -7.05
CA GLU A 242 3.51 -26.39 -5.60
C GLU A 242 3.38 -27.79 -4.99
N LYS A 243 2.58 -28.66 -5.62
CA LYS A 243 2.33 -29.98 -5.07
C LYS A 243 3.51 -30.93 -5.28
N ASN A 244 4.16 -30.86 -6.43
CA ASN A 244 5.21 -31.80 -6.82
C ASN A 244 6.59 -31.16 -6.76
N LEU A 245 6.85 -30.35 -5.72
CA LEU A 245 8.14 -29.67 -5.64
C LEU A 245 9.28 -30.66 -5.42
N ALA A 246 9.01 -31.81 -4.80
CA ALA A 246 10.03 -32.82 -4.60
C ALA A 246 10.19 -33.74 -5.80
N SER A 247 9.17 -33.86 -6.64
CA SER A 247 9.22 -34.71 -7.82
C SER A 247 9.28 -33.83 -9.07
N PRO A 248 10.47 -33.58 -9.63
CA PRO A 248 10.54 -32.67 -10.79
C PRO A 248 9.77 -33.16 -12.00
N LYS A 249 10.00 -34.40 -12.45
CA LYS A 249 9.35 -34.86 -13.68
C LYS A 249 7.87 -35.10 -13.46
N GLN A 250 7.50 -35.75 -12.35
CA GLN A 250 6.09 -35.97 -12.06
C GLN A 250 5.32 -34.65 -11.99
N MET A 251 6.00 -33.54 -11.69
CA MET A 251 5.39 -32.23 -11.86
C MET A 251 5.10 -31.94 -13.32
N LEU A 252 6.12 -32.01 -14.18
CA LEU A 252 5.91 -31.79 -15.61
C LEU A 252 4.91 -32.80 -16.18
N ALA A 253 4.96 -34.04 -15.70
CA ALA A 253 4.02 -35.05 -16.15
C ALA A 253 2.58 -34.61 -15.88
N GLU A 254 2.27 -34.28 -14.62
CA GLU A 254 0.93 -33.78 -14.31
C GLU A 254 0.67 -32.42 -14.95
N LEU A 255 1.72 -31.64 -15.24
CA LEU A 255 1.53 -30.40 -15.98
C LEU A 255 1.09 -30.67 -17.41
N ARG A 256 1.74 -31.64 -18.07
CA ARG A 256 1.38 -31.95 -19.45
C ARG A 256 -0.03 -32.52 -19.56
N SER A 257 -0.43 -33.35 -18.60
CA SER A 257 -1.76 -33.93 -18.64
C SER A 257 -2.83 -32.87 -18.41
N PHE A 258 -2.59 -31.95 -17.49
CA PHE A 258 -3.61 -30.95 -17.15
C PHE A 258 -3.78 -29.93 -18.27
N VAL A 259 -2.67 -29.45 -18.84
CA VAL A 259 -2.76 -28.41 -19.86
C VAL A 259 -3.35 -28.98 -21.16
N SER A 260 -3.00 -30.21 -21.52
CA SER A 260 -3.60 -30.82 -22.70
C SER A 260 -5.06 -31.19 -22.46
N ALA A 261 -5.45 -31.41 -21.20
CA ALA A 261 -6.87 -31.60 -20.92
C ALA A 261 -7.63 -30.28 -21.03
N MET A 262 -7.07 -29.20 -20.50
CA MET A 262 -7.72 -27.90 -20.58
C MET A 262 -7.73 -27.36 -22.01
N LYS A 263 -6.69 -27.66 -22.78
CA LYS A 263 -6.66 -27.21 -24.17
C LYS A 263 -7.71 -27.93 -25.01
N ALA A 264 -7.90 -29.23 -24.76
CA ALA A 264 -8.93 -29.97 -25.48
C ALA A 264 -10.32 -29.45 -25.15
N ALA A 265 -10.51 -28.93 -23.93
CA ALA A 265 -11.79 -28.39 -23.50
C ALA A 265 -12.20 -27.15 -24.27
N SER A 266 -11.29 -26.54 -25.04
CA SER A 266 -11.57 -25.33 -25.80
C SER A 266 -11.87 -25.61 -27.28
N ARG A 267 -11.70 -26.85 -27.72
CA ARG A 267 -11.86 -27.19 -29.14
C ARG A 267 -13.34 -27.30 -29.51
N THR B 2 -12.39 9.26 -13.02
CA THR B 2 -12.95 10.54 -12.57
C THR B 2 -13.24 10.55 -11.07
N THR B 3 -12.78 11.60 -10.39
CA THR B 3 -13.02 11.81 -8.98
C THR B 3 -13.44 13.25 -8.74
N LEU B 4 -13.97 13.52 -7.55
CA LEU B 4 -14.36 14.88 -7.20
C LEU B 4 -13.15 15.72 -6.79
N LEU B 5 -12.20 15.11 -6.10
CA LEU B 5 -11.01 15.78 -5.61
C LEU B 5 -9.79 15.32 -6.40
N ASN B 6 -8.75 16.14 -6.35
CA ASN B 6 -7.51 15.80 -7.03
C ASN B 6 -6.81 14.67 -6.29
N PRO B 7 -6.63 13.49 -6.91
CA PRO B 7 -5.94 12.39 -6.22
C PRO B 7 -4.45 12.62 -6.04
N TYR B 8 -3.90 13.71 -6.55
CA TYR B 8 -2.46 13.93 -6.56
C TYR B 8 -2.12 15.20 -5.77
N PHE B 9 -0.99 15.14 -5.07
CA PHE B 9 -0.34 16.31 -4.49
C PHE B 9 0.91 16.55 -5.34
N GLY B 10 0.82 17.49 -6.26
CA GLY B 10 1.90 17.65 -7.23
C GLY B 10 2.03 16.38 -8.05
N GLU B 11 3.23 15.80 -8.05
CA GLU B 11 3.51 14.58 -8.78
C GLU B 11 3.28 13.32 -7.96
N PHE B 12 2.92 13.46 -6.69
CA PHE B 12 2.78 12.33 -5.78
C PHE B 12 1.30 12.05 -5.51
N GLY B 13 0.99 10.79 -5.21
CA GLY B 13 -0.35 10.39 -4.81
C GLY B 13 -0.91 9.34 -5.76
N GLY B 14 -2.16 9.53 -6.16
CA GLY B 14 -2.81 8.62 -7.09
C GLY B 14 -3.60 7.53 -6.40
N MET B 15 -4.16 6.65 -7.23
CA MET B 15 -4.97 5.52 -6.79
C MET B 15 -4.47 4.27 -7.50
N TYR B 16 -3.27 3.83 -7.13
CA TYR B 16 -2.63 2.69 -7.80
C TYR B 16 -3.08 1.39 -7.15
N VAL B 17 -4.36 1.08 -7.35
CA VAL B 17 -4.97 -0.12 -6.79
C VAL B 17 -5.47 -0.96 -7.96
N PRO B 18 -5.68 -2.25 -7.73
CA PRO B 18 -6.37 -3.07 -8.74
C PRO B 18 -7.73 -2.50 -9.08
N GLN B 19 -8.16 -2.72 -10.33
CA GLN B 19 -9.38 -2.11 -10.83
C GLN B 19 -10.60 -2.50 -10.00
N ILE B 20 -10.55 -3.66 -9.33
CA ILE B 20 -11.68 -4.11 -8.53
C ILE B 20 -11.92 -3.18 -7.34
N LEU B 21 -10.87 -2.49 -6.88
CA LEU B 21 -10.97 -1.62 -5.71
C LEU B 21 -11.35 -0.19 -6.04
N MET B 22 -11.38 0.18 -7.33
CA MET B 22 -11.72 1.55 -7.68
C MET B 22 -13.13 1.95 -7.26
N PRO B 23 -14.18 1.12 -7.44
CA PRO B 23 -15.49 1.50 -6.89
C PRO B 23 -15.46 1.74 -5.39
N ALA B 24 -14.69 0.94 -4.64
CA ALA B 24 -14.60 1.15 -3.19
C ALA B 24 -13.99 2.50 -2.87
N LEU B 25 -13.07 2.99 -3.71
CA LEU B 25 -12.44 4.28 -3.47
C LEU B 25 -13.34 5.43 -3.89
N ASN B 26 -14.01 5.30 -5.03
CA ASN B 26 -14.95 6.33 -5.45
C ASN B 26 -16.12 6.46 -4.49
N GLN B 27 -16.56 5.33 -3.93
CA GLN B 27 -17.59 5.38 -2.90
C GLN B 27 -17.08 6.09 -1.64
N LEU B 28 -15.87 5.74 -1.21
CA LEU B 28 -15.31 6.35 0.00
C LEU B 28 -15.09 7.84 -0.18
N GLU B 29 -14.66 8.26 -1.38
CA GLU B 29 -14.42 9.68 -1.62
C GLU B 29 -15.72 10.48 -1.54
N GLU B 30 -16.78 9.99 -2.19
CA GLU B 30 -18.04 10.74 -2.24
C GLU B 30 -18.69 10.83 -0.88
N ALA B 31 -18.60 9.75 -0.09
CA ALA B 31 -19.11 9.79 1.27
C ALA B 31 -18.32 10.80 2.11
N PHE B 32 -17.02 10.87 1.90
CA PHE B 32 -16.20 11.84 2.60
C PHE B 32 -16.57 13.26 2.20
N VAL B 33 -16.66 13.53 0.90
CA VAL B 33 -17.04 14.87 0.45
C VAL B 33 -18.43 15.23 0.99
N SER B 34 -19.34 14.26 1.02
CA SER B 34 -20.66 14.51 1.58
C SER B 34 -20.59 14.80 3.08
N ALA B 35 -19.81 14.01 3.82
CA ALA B 35 -19.71 14.20 5.26
C ALA B 35 -19.09 15.54 5.59
N GLN B 36 -18.18 16.04 4.74
CA GLN B 36 -17.54 17.33 5.00
C GLN B 36 -18.51 18.49 4.87
N LYS B 37 -19.57 18.33 4.09
CA LYS B 37 -20.58 19.36 3.92
C LYS B 37 -21.80 19.16 4.81
N ASP B 38 -21.80 18.10 5.63
CA ASP B 38 -22.94 17.78 6.46
C ASP B 38 -22.69 18.26 7.88
N PRO B 39 -23.44 19.24 8.38
CA PRO B 39 -23.22 19.70 9.77
C PRO B 39 -23.52 18.63 10.79
N GLU B 40 -24.46 17.72 10.52
CA GLU B 40 -24.77 16.65 11.47
C GLU B 40 -23.60 15.69 11.61
N PHE B 41 -22.92 15.38 10.50
CA PHE B 41 -21.72 14.57 10.61
C PHE B 41 -20.64 15.26 11.43
N GLN B 42 -20.47 16.57 11.22
CA GLN B 42 -19.44 17.28 11.97
C GLN B 42 -19.80 17.37 13.45
N ALA B 43 -21.08 17.52 13.76
CA ALA B 43 -21.50 17.59 15.16
C ALA B 43 -21.25 16.26 15.88
N GLN B 44 -21.51 15.14 15.21
CA GLN B 44 -21.27 13.85 15.84
C GLN B 44 -19.78 13.56 15.96
N PHE B 45 -19.00 13.99 14.97
CA PHE B 45 -17.55 13.84 15.02
C PHE B 45 -16.96 14.63 16.19
N ALA B 46 -17.38 15.89 16.34
CA ALA B 46 -16.92 16.70 17.45
C ALA B 46 -17.40 16.13 18.79
N ASP B 47 -18.57 15.50 18.81
CA ASP B 47 -19.11 14.96 20.05
C ASP B 47 -18.26 13.80 20.56
N LEU B 48 -17.83 12.91 19.65
CA LEU B 48 -16.97 11.81 20.05
C LEU B 48 -15.57 12.31 20.42
N LEU B 49 -15.06 13.30 19.69
CA LEU B 49 -13.73 13.84 19.98
C LEU B 49 -13.70 14.47 21.36
N LYS B 50 -14.73 15.24 21.71
CA LYS B 50 -14.73 15.97 22.97
C LYS B 50 -15.12 15.06 24.13
N ASN B 51 -16.27 14.41 24.03
CA ASN B 51 -16.86 13.69 25.16
C ASN B 51 -16.40 12.24 25.26
N TYR B 52 -15.68 11.72 24.29
CA TYR B 52 -15.16 10.36 24.39
C TYR B 52 -13.65 10.29 24.32
N ALA B 53 -13.01 11.09 23.45
CA ALA B 53 -11.57 11.03 23.30
C ALA B 53 -10.82 12.02 24.19
N GLY B 54 -11.46 13.12 24.57
CA GLY B 54 -10.85 14.09 25.45
C GLY B 54 -10.37 15.38 24.80
N ARG B 55 -10.72 15.63 23.54
CA ARG B 55 -10.36 16.89 22.91
C ARG B 55 -11.12 18.05 23.56
N PRO B 56 -10.53 19.24 23.60
CA PRO B 56 -9.19 19.56 23.07
C PRO B 56 -8.08 19.09 24.00
N THR B 57 -6.93 18.77 23.42
CA THR B 57 -5.77 18.37 24.21
C THR B 57 -4.96 19.60 24.61
N ALA B 58 -4.16 19.43 25.66
CA ALA B 58 -3.44 20.55 26.24
C ALA B 58 -2.23 20.93 25.39
N LEU B 59 -1.81 22.18 25.55
CA LEU B 59 -0.57 22.69 24.99
C LEU B 59 0.31 23.09 26.18
N THR B 60 1.27 22.24 26.53
CA THR B 60 2.08 22.41 27.72
C THR B 60 3.35 23.19 27.39
N LYS B 61 3.55 24.32 28.06
CA LYS B 61 4.82 25.03 27.97
C LYS B 61 5.87 24.31 28.81
N CYS B 62 7.02 24.02 28.21
CA CYS B 62 8.08 23.30 28.92
C CYS B 62 8.79 24.27 29.85
N GLN B 63 8.65 24.04 31.16
CA GLN B 63 9.27 24.92 32.14
C GLN B 63 10.78 24.73 32.16
N ASN B 64 11.24 23.49 32.39
CA ASN B 64 12.60 23.20 32.77
C ASN B 64 13.49 22.75 31.62
N ILE B 65 12.92 22.28 30.51
CA ILE B 65 13.73 21.70 29.46
C ILE B 65 14.50 22.75 28.67
N THR B 66 14.03 23.99 28.64
CA THR B 66 14.64 25.03 27.83
C THR B 66 15.51 25.99 28.63
N ALA B 67 15.74 25.70 29.91
CA ALA B 67 16.59 26.56 30.73
C ALA B 67 17.96 26.72 30.08
N GLY B 68 18.52 27.93 30.21
CA GLY B 68 19.81 28.23 29.63
C GLY B 68 19.78 28.65 28.18
N THR B 69 18.61 28.62 27.54
CA THR B 69 18.48 28.99 26.14
C THR B 69 17.39 30.04 25.99
N ARG B 70 17.26 30.56 24.77
CA ARG B 70 16.21 31.51 24.42
C ARG B 70 15.08 30.86 23.64
N THR B 71 14.86 29.56 23.85
CA THR B 71 13.80 28.82 23.15
C THR B 71 12.61 28.61 24.08
N THR B 72 11.42 28.94 23.59
CA THR B 72 10.17 28.59 24.27
C THR B 72 9.57 27.37 23.57
N LEU B 73 9.45 26.27 24.30
CA LEU B 73 8.99 25.00 23.75
C LEU B 73 7.62 24.65 24.32
N TYR B 74 6.65 24.43 23.44
CA TYR B 74 5.34 23.92 23.80
C TYR B 74 5.17 22.50 23.26
N LEU B 75 4.41 21.70 23.99
CA LEU B 75 4.13 20.32 23.61
C LEU B 75 2.63 20.17 23.39
N LYS B 76 2.24 19.86 22.15
CA LYS B 76 0.86 19.48 21.84
C LYS B 76 0.61 18.08 22.39
N ARG B 77 -0.27 17.98 23.38
CA ARG B 77 -0.39 16.74 24.18
C ARG B 77 -1.45 15.81 23.59
N GLU B 78 -1.15 15.28 22.40
CA GLU B 78 -1.93 14.16 21.88
C GLU B 78 -1.70 12.90 22.70
N ASP B 79 -0.68 12.87 23.55
CA ASP B 79 -0.51 11.75 24.47
C ASP B 79 -1.61 11.69 25.51
N LEU B 80 -2.38 12.75 25.70
CA LEU B 80 -3.48 12.75 26.66
C LEU B 80 -4.81 12.37 26.01
N LEU B 81 -4.79 11.93 24.76
CA LEU B 81 -5.96 11.46 24.07
C LEU B 81 -6.29 10.03 24.49
N HIS B 82 -7.58 9.70 24.49
CA HIS B 82 -8.01 8.34 24.78
C HIS B 82 -7.31 7.37 23.84
N GLY B 83 -6.71 6.34 24.42
CA GLY B 83 -5.88 5.40 23.70
C GLY B 83 -4.39 5.70 23.83
N GLY B 84 -4.04 6.96 24.06
CA GLY B 84 -2.66 7.34 24.27
C GLY B 84 -1.92 7.84 23.06
N ALA B 85 -2.62 8.13 21.96
CA ALA B 85 -1.97 8.57 20.74
C ALA B 85 -2.98 9.31 19.87
N HIS B 86 -2.45 10.04 18.89
CA HIS B 86 -3.28 10.82 17.99
C HIS B 86 -4.16 9.96 17.09
N LYS B 87 -3.83 8.66 16.95
CA LYS B 87 -4.56 7.80 16.03
C LYS B 87 -6.05 7.72 16.33
N THR B 88 -6.45 8.04 17.56
CA THR B 88 -7.86 7.95 17.92
C THR B 88 -8.71 8.95 17.14
N ASN B 89 -8.14 10.11 16.78
CA ASN B 89 -8.94 11.15 16.13
C ASN B 89 -9.53 10.65 14.82
N GLN B 90 -8.68 10.13 13.92
CA GLN B 90 -9.15 9.80 12.58
C GLN B 90 -9.94 8.50 12.54
N VAL B 91 -9.65 7.55 13.42
CA VAL B 91 -10.42 6.30 13.42
C VAL B 91 -11.86 6.56 13.86
N LEU B 92 -12.07 7.55 14.72
CA LEU B 92 -13.42 7.94 15.08
C LEU B 92 -14.15 8.54 13.88
N GLY B 93 -13.44 9.34 13.08
CA GLY B 93 -14.04 9.87 11.87
C GLY B 93 -14.28 8.81 10.81
N GLN B 94 -13.29 7.94 10.60
CA GLN B 94 -13.44 6.86 9.63
C GLN B 94 -14.58 5.92 10.02
N ALA B 95 -14.70 5.60 11.30
CA ALA B 95 -15.79 4.74 11.74
C ALA B 95 -17.14 5.43 11.59
N LEU B 96 -17.19 6.75 11.76
CA LEU B 96 -18.42 7.48 11.47
C LEU B 96 -18.72 7.49 9.99
N LEU B 97 -17.68 7.63 9.16
CA LEU B 97 -17.86 7.50 7.72
C LEU B 97 -18.38 6.11 7.37
N ALA B 98 -17.86 5.08 8.05
CA ALA B 98 -18.32 3.72 7.80
C ALA B 98 -19.82 3.59 8.05
N LYS B 99 -20.31 4.18 9.14
CA LYS B 99 -21.74 4.17 9.40
C LYS B 99 -22.51 4.95 8.35
N ARG B 100 -21.94 6.06 7.88
CA ARG B 100 -22.61 6.85 6.85
C ARG B 100 -22.77 6.06 5.55
N MET B 101 -21.84 5.18 5.24
CA MET B 101 -21.92 4.34 4.06
C MET B 101 -22.67 3.05 4.30
N GLY B 102 -23.30 2.90 5.46
CA GLY B 102 -24.01 1.67 5.76
C GLY B 102 -23.12 0.47 6.00
N LYS B 103 -21.84 0.69 6.28
CA LYS B 103 -20.93 -0.41 6.56
C LYS B 103 -21.07 -0.85 8.01
N SER B 104 -20.97 -2.16 8.24
CA SER B 104 -21.05 -2.73 9.57
C SER B 104 -19.79 -3.44 10.00
N GLU B 105 -18.80 -3.58 9.12
CA GLU B 105 -17.53 -4.19 9.46
C GLU B 105 -16.39 -3.22 9.18
N ILE B 106 -15.29 -3.41 9.90
CA ILE B 106 -14.09 -2.59 9.76
C ILE B 106 -12.91 -3.53 9.52
N ILE B 107 -12.10 -3.22 8.52
CA ILE B 107 -10.83 -3.90 8.29
C ILE B 107 -9.71 -2.90 8.56
N ALA B 108 -8.68 -3.36 9.27
CA ALA B 108 -7.56 -2.49 9.60
C ALA B 108 -6.27 -3.29 9.63
N GLU B 109 -5.20 -2.68 9.18
CA GLU B 109 -3.85 -3.21 9.34
C GLU B 109 -3.16 -2.46 10.48
N THR B 110 -2.09 -3.07 11.01
CA THR B 110 -1.29 -2.41 12.02
C THR B 110 0.04 -3.13 12.14
N GLY B 111 1.04 -2.40 12.61
CA GLY B 111 2.35 -2.98 12.82
C GLY B 111 2.72 -3.03 14.28
N ALA B 112 2.88 -1.86 14.89
CA ALA B 112 3.16 -1.77 16.32
C ALA B 112 1.95 -2.15 17.17
N GLY B 113 0.77 -2.28 16.57
CA GLY B 113 -0.43 -2.64 17.29
C GLY B 113 -1.24 -1.46 17.77
N GLN B 114 -0.74 -0.23 17.64
CA GLN B 114 -1.45 0.91 18.19
C GLN B 114 -2.59 1.37 17.29
N HIS B 115 -2.44 1.23 15.97
CA HIS B 115 -3.58 1.49 15.10
C HIS B 115 -4.65 0.41 15.26
N GLY B 116 -4.22 -0.84 15.44
CA GLY B 116 -5.18 -1.88 15.75
C GLY B 116 -5.94 -1.61 17.03
N VAL B 117 -5.24 -1.15 18.06
CA VAL B 117 -5.92 -0.75 19.30
C VAL B 117 -6.83 0.44 19.04
N ALA B 118 -6.40 1.37 18.18
CA ALA B 118 -7.25 2.51 17.83
C ALA B 118 -8.48 2.06 17.06
N SER B 119 -8.31 1.16 16.10
CA SER B 119 -9.46 0.68 15.33
C SER B 119 -10.41 -0.13 16.20
N ALA B 120 -9.86 -0.95 17.10
CA ALA B 120 -10.72 -1.79 17.95
C ALA B 120 -11.58 -0.93 18.88
N LEU B 121 -11.00 0.12 19.46
CA LEU B 121 -11.78 0.95 20.38
C LEU B 121 -12.85 1.75 19.65
N ALA B 122 -12.57 2.16 18.40
CA ALA B 122 -13.57 2.88 17.63
C ALA B 122 -14.71 1.97 17.19
N SER B 123 -14.38 0.76 16.71
CA SER B 123 -15.41 -0.18 16.30
C SER B 123 -16.27 -0.61 17.47
N ALA B 124 -15.65 -0.81 18.64
CA ALA B 124 -16.41 -1.18 19.83
C ALA B 124 -17.41 -0.09 20.20
N LEU B 125 -16.97 1.16 20.17
CA LEU B 125 -17.86 2.26 20.54
C LEU B 125 -19.04 2.38 19.57
N LEU B 126 -18.78 2.26 18.27
CA LEU B 126 -19.79 2.50 17.26
C LEU B 126 -20.50 1.24 16.80
N GLY B 127 -20.24 0.10 17.42
CA GLY B 127 -20.96 -1.12 17.12
C GLY B 127 -20.61 -1.71 15.77
N LEU B 128 -19.32 -1.90 15.52
CA LEU B 128 -18.83 -2.47 14.28
C LEU B 128 -18.00 -3.71 14.57
N LYS B 129 -18.25 -4.77 13.81
CA LYS B 129 -17.35 -5.92 13.84
C LYS B 129 -16.04 -5.53 13.17
N CYS B 130 -14.93 -5.75 13.88
CA CYS B 130 -13.62 -5.28 13.47
C CYS B 130 -12.66 -6.45 13.41
N ARG B 131 -12.10 -6.71 12.23
CA ARG B 131 -11.03 -7.68 12.07
C ARG B 131 -9.75 -6.96 11.66
N ILE B 132 -8.64 -7.36 12.26
CA ILE B 132 -7.37 -6.64 12.13
C ILE B 132 -6.30 -7.60 11.64
N TYR B 133 -5.55 -7.18 10.63
CA TYR B 133 -4.42 -7.94 10.10
C TYR B 133 -3.12 -7.38 10.66
N MET B 134 -2.22 -8.27 11.04
CA MET B 134 -0.95 -7.88 11.62
C MET B 134 0.12 -8.89 11.21
N GLY B 135 1.34 -8.41 11.05
CA GLY B 135 2.44 -9.30 10.73
C GLY B 135 2.73 -10.25 11.88
N ALA B 136 2.98 -11.52 11.53
CA ALA B 136 3.24 -12.54 12.55
C ALA B 136 4.45 -12.19 13.41
N LYS B 137 5.46 -11.54 12.83
CA LYS B 137 6.58 -11.07 13.63
C LYS B 137 6.17 -9.88 14.50
N ASP B 138 5.20 -9.09 14.05
CA ASP B 138 4.64 -8.04 14.90
C ASP B 138 3.72 -8.61 15.97
N VAL B 139 3.09 -9.76 15.69
CA VAL B 139 2.25 -10.42 16.69
C VAL B 139 3.07 -10.86 17.89
N GLU B 140 4.31 -11.30 17.65
CA GLU B 140 5.13 -11.82 18.73
C GLU B 140 5.72 -10.72 19.60
N ARG B 141 6.08 -9.57 19.01
CA ARG B 141 6.71 -8.51 19.78
C ARG B 141 5.70 -7.55 20.39
N GLN B 142 4.43 -7.60 19.99
CA GLN B 142 3.41 -6.69 20.46
C GLN B 142 2.25 -7.44 21.09
N SER B 143 2.55 -8.56 21.74
CA SER B 143 1.51 -9.33 22.42
C SER B 143 0.69 -8.51 23.42
N PRO B 144 1.23 -7.55 24.17
CA PRO B 144 0.35 -6.68 24.96
C PRO B 144 -0.72 -5.97 24.13
N ASN B 145 -0.36 -5.42 22.97
CA ASN B 145 -1.34 -4.71 22.17
C ASN B 145 -2.33 -5.66 21.49
N VAL B 146 -1.92 -6.90 21.24
CA VAL B 146 -2.86 -7.88 20.70
C VAL B 146 -3.95 -8.17 21.73
N PHE B 147 -3.56 -8.34 22.99
CA PHE B 147 -4.53 -8.57 24.05
C PHE B 147 -5.49 -7.39 24.18
N ARG B 148 -4.97 -6.17 24.02
N ARG B 148 -4.98 -6.18 24.01
CA ARG B 148 -5.81 -4.98 24.07
CA ARG B 148 -5.84 -5.00 24.09
C ARG B 148 -6.89 -5.02 22.99
C ARG B 148 -6.89 -5.00 22.98
N MET B 149 -6.48 -5.30 21.75
CA MET B 149 -7.43 -5.36 20.65
C MET B 149 -8.48 -6.44 20.88
N ARG B 150 -8.06 -7.63 21.30
CA ARG B 150 -9.01 -8.71 21.50
C ARG B 150 -9.89 -8.50 22.72
N LEU B 151 -9.36 -7.83 23.75
CA LEU B 151 -10.20 -7.43 24.88
C LEU B 151 -11.34 -6.54 24.40
N MET B 152 -11.07 -5.67 23.44
CA MET B 152 -12.08 -4.76 22.90
C MET B 152 -12.88 -5.38 21.77
N GLY B 153 -12.85 -6.71 21.63
CA GLY B 153 -13.71 -7.41 20.70
C GLY B 153 -13.23 -7.49 19.28
N ALA B 154 -11.94 -7.32 19.03
CA ALA B 154 -11.39 -7.35 17.67
C ALA B 154 -10.82 -8.72 17.34
N GLU B 155 -10.90 -9.08 16.06
CA GLU B 155 -10.33 -10.30 15.54
C GLU B 155 -8.95 -9.98 14.99
N VAL B 156 -7.91 -10.55 15.59
CA VAL B 156 -6.53 -10.32 15.19
C VAL B 156 -6.11 -11.49 14.31
N ILE B 157 -5.85 -11.23 13.04
CA ILE B 157 -5.45 -12.26 12.09
C ILE B 157 -3.97 -12.05 11.77
N PRO B 158 -3.09 -12.97 12.16
CA PRO B 158 -1.66 -12.79 11.87
C PRO B 158 -1.35 -13.05 10.41
N VAL B 159 -0.41 -12.26 9.88
CA VAL B 159 -0.04 -12.32 8.47
C VAL B 159 1.38 -12.85 8.39
N HIS B 160 1.52 -14.12 8.01
CA HIS B 160 2.83 -14.70 7.74
C HIS B 160 3.31 -14.45 6.32
N SER B 161 2.54 -13.72 5.50
CA SER B 161 2.93 -13.48 4.11
C SER B 161 4.19 -12.64 4.05
N GLY B 162 5.03 -12.94 3.06
CA GLY B 162 6.18 -12.12 2.73
C GLY B 162 7.15 -11.88 3.87
N SER B 163 7.22 -10.63 4.33
CA SER B 163 8.07 -10.24 5.45
C SER B 163 7.38 -10.37 6.81
N ALA B 164 6.08 -10.67 6.83
CA ALA B 164 5.31 -10.77 8.07
C ALA B 164 5.44 -9.50 8.90
N THR B 165 5.27 -8.36 8.24
CA THR B 165 5.32 -7.07 8.90
C THR B 165 4.16 -6.22 8.39
N LEU B 166 4.27 -4.91 8.59
CA LEU B 166 3.15 -4.01 8.33
C LEU B 166 2.78 -4.01 6.84
N LYS B 167 3.78 -3.96 5.95
CA LYS B 167 3.49 -3.89 4.52
C LYS B 167 2.78 -5.14 4.01
N ASP B 168 2.92 -6.27 4.70
CA ASP B 168 2.13 -7.45 4.36
C ASP B 168 0.75 -7.40 4.99
N ALA B 169 0.64 -6.78 6.17
CA ALA B 169 -0.68 -6.51 6.73
C ALA B 169 -1.44 -5.53 5.83
N CYS B 170 -0.73 -4.53 5.29
CA CYS B 170 -1.35 -3.61 4.33
C CYS B 170 -1.83 -4.35 3.10
N ASN B 171 -1.13 -5.42 2.69
CA ASN B 171 -1.56 -6.19 1.52
C ASN B 171 -2.78 -7.04 1.85
N GLU B 172 -2.71 -7.82 2.93
CA GLU B 172 -3.78 -8.76 3.25
C GLU B 172 -5.09 -8.04 3.55
N ALA B 173 -5.03 -6.82 4.08
CA ALA B 173 -6.26 -6.08 4.34
C ALA B 173 -6.93 -5.66 3.04
N LEU B 174 -6.15 -5.15 2.08
CA LEU B 174 -6.71 -4.76 0.79
C LEU B 174 -7.33 -5.95 0.07
N ARG B 175 -6.69 -7.13 0.17
CA ARG B 175 -7.26 -8.33 -0.43
C ARG B 175 -8.64 -8.63 0.14
N ASP B 176 -8.81 -8.50 1.45
CA ASP B 176 -10.12 -8.69 2.07
C ASP B 176 -11.10 -7.63 1.60
N TRP B 177 -10.67 -6.37 1.57
CA TRP B 177 -11.57 -5.27 1.20
C TRP B 177 -12.07 -5.37 -0.24
N SER B 178 -11.32 -6.06 -1.12
CA SER B 178 -11.71 -6.10 -2.53
C SER B 178 -12.97 -6.93 -2.74
N GLY B 179 -13.24 -7.89 -1.87
CA GLY B 179 -14.45 -8.68 -1.98
C GLY B 179 -15.49 -8.34 -0.93
N SER B 180 -15.17 -7.43 0.01
CA SER B 180 -16.08 -7.16 1.12
C SER B 180 -16.36 -5.68 1.30
N TYR B 181 -16.02 -4.84 0.31
CA TYR B 181 -16.17 -3.39 0.47
C TYR B 181 -17.63 -2.94 0.55
N GLU B 182 -18.58 -3.79 0.11
CA GLU B 182 -19.98 -3.40 0.19
C GLU B 182 -20.49 -3.45 1.62
N THR B 183 -19.89 -4.28 2.48
CA THR B 183 -20.27 -4.34 3.88
C THR B 183 -19.18 -3.84 4.82
N ALA B 184 -17.91 -3.98 4.45
CA ALA B 184 -16.78 -3.62 5.29
C ALA B 184 -16.10 -2.36 4.77
N HIS B 185 -15.46 -1.63 5.68
CA HIS B 185 -14.72 -0.42 5.34
C HIS B 185 -13.28 -0.59 5.79
N TYR B 186 -12.34 -0.22 4.92
CA TYR B 186 -10.92 -0.31 5.20
C TYR B 186 -10.49 0.95 5.95
N MET B 187 -10.08 0.78 7.21
CA MET B 187 -9.69 1.89 8.08
C MET B 187 -8.16 2.00 8.05
N LEU B 188 -7.66 2.74 7.06
CA LEU B 188 -6.22 2.86 6.84
C LEU B 188 -5.55 3.63 7.99
N GLY B 189 -4.29 3.30 8.24
CA GLY B 189 -3.64 3.73 9.46
C GLY B 189 -3.05 5.14 9.45
N THR B 190 -2.61 5.60 8.29
CA THR B 190 -1.86 6.84 8.25
C THR B 190 -2.33 7.68 7.06
N ALA B 191 -1.66 8.82 6.86
CA ALA B 191 -1.93 9.72 5.75
C ALA B 191 -1.26 9.28 4.46
N ALA B 192 -1.18 7.97 4.24
CA ALA B 192 -0.63 7.41 3.01
C ALA B 192 -1.69 6.55 2.33
N GLY B 193 -1.27 5.71 1.39
CA GLY B 193 -2.19 4.87 0.66
C GLY B 193 -2.86 5.64 -0.47
N PRO B 194 -3.80 4.99 -1.14
CA PRO B 194 -4.44 5.61 -2.30
C PRO B 194 -5.45 6.67 -1.92
N HIS B 195 -5.66 7.62 -2.83
CA HIS B 195 -6.73 8.58 -2.68
C HIS B 195 -8.06 7.85 -2.47
N PRO B 196 -8.95 8.34 -1.59
CA PRO B 196 -8.85 9.61 -0.86
C PRO B 196 -8.26 9.51 0.55
N TYR B 197 -7.54 8.42 0.84
CA TYR B 197 -7.06 8.22 2.21
C TYR B 197 -6.11 9.31 2.69
N PRO B 198 -5.10 9.74 1.92
CA PRO B 198 -4.27 10.86 2.41
C PRO B 198 -5.08 12.11 2.74
N THR B 199 -6.06 12.45 1.91
CA THR B 199 -6.89 13.62 2.16
C THR B 199 -7.77 13.41 3.38
N ILE B 200 -8.34 12.21 3.52
CA ILE B 200 -9.29 11.94 4.60
C ILE B 200 -8.60 11.97 5.96
N VAL B 201 -7.46 11.28 6.07
CA VAL B 201 -6.74 11.22 7.34
C VAL B 201 -6.24 12.60 7.74
N ARG B 202 -5.88 13.44 6.76
CA ARG B 202 -5.47 14.80 7.10
C ARG B 202 -6.63 15.59 7.69
N GLU B 203 -7.80 15.52 7.05
CA GLU B 203 -8.93 16.31 7.50
C GLU B 203 -9.47 15.82 8.84
N PHE B 204 -9.31 14.53 9.14
CA PHE B 204 -9.73 13.99 10.42
C PHE B 204 -8.65 14.10 11.50
N GLN B 205 -7.49 14.67 11.16
CA GLN B 205 -6.43 14.93 12.13
C GLN B 205 -6.07 16.41 12.23
N ARG B 206 -6.66 17.26 11.38
CA ARG B 206 -6.26 18.65 11.35
C ARG B 206 -6.72 19.46 12.56
N MET B 207 -7.53 18.87 13.44
CA MET B 207 -7.83 19.55 14.69
C MET B 207 -6.61 19.71 15.57
N ILE B 208 -5.58 18.89 15.35
CA ILE B 208 -4.33 19.04 16.10
C ILE B 208 -3.75 20.43 15.87
N GLY B 209 -3.53 20.80 14.62
CA GLY B 209 -2.97 22.10 14.32
C GLY B 209 -3.95 23.23 14.51
N GLU B 210 -5.25 22.98 14.30
CA GLU B 210 -6.24 24.02 14.53
C GLU B 210 -6.32 24.39 16.01
N GLU B 211 -6.24 23.39 16.91
CA GLU B 211 -6.18 23.69 18.33
C GLU B 211 -4.85 24.34 18.70
N THR B 212 -3.74 23.82 18.17
CA THR B 212 -2.44 24.38 18.48
C THR B 212 -2.35 25.85 18.08
N LYS B 213 -2.93 26.21 16.95
CA LYS B 213 -2.92 27.61 16.53
C LYS B 213 -3.66 28.49 17.53
N ALA B 214 -4.90 28.12 17.86
CA ALA B 214 -5.70 28.92 18.77
C ALA B 214 -5.05 29.00 20.15
N GLN B 215 -4.45 27.89 20.59
CA GLN B 215 -3.84 27.87 21.92
C GLN B 215 -2.57 28.71 21.97
N ILE B 216 -1.75 28.66 20.91
CA ILE B 216 -0.52 29.43 20.92
C ILE B 216 -0.82 30.92 20.75
N LEU B 217 -1.90 31.26 20.05
CA LEU B 217 -2.32 32.66 19.97
C LEU B 217 -2.83 33.14 21.32
N ASP B 218 -3.49 32.27 22.08
CA ASP B 218 -3.97 32.65 23.40
C ASP B 218 -2.82 32.79 24.39
N LYS B 219 -1.81 31.92 24.29
CA LYS B 219 -0.75 31.88 25.28
C LYS B 219 0.38 32.85 24.96
N GLU B 220 0.88 32.84 23.72
CA GLU B 220 2.02 33.66 23.34
C GLU B 220 1.66 34.85 22.45
N GLY B 221 0.39 34.99 22.07
CA GLY B 221 -0.03 36.11 21.25
C GLY B 221 0.57 36.14 19.86
N ARG B 222 1.05 34.99 19.35
CA ARG B 222 1.68 34.93 18.05
C ARG B 222 1.77 33.47 17.62
N LEU B 223 1.97 33.28 16.32
CA LEU B 223 2.15 31.94 15.79
C LEU B 223 3.56 31.44 16.07
N PRO B 224 3.78 30.13 16.04
CA PRO B 224 5.11 29.59 16.34
C PRO B 224 6.08 29.85 15.19
N ASP B 225 7.36 29.78 15.52
CA ASP B 225 8.38 29.84 14.48
C ASP B 225 8.45 28.54 13.70
N ALA B 226 8.17 27.41 14.35
CA ALA B 226 8.18 26.13 13.66
C ALA B 226 7.37 25.12 14.46
N VAL B 227 6.71 24.22 13.75
CA VAL B 227 6.04 23.08 14.36
C VAL B 227 6.79 21.83 13.90
N ILE B 228 7.08 20.94 14.84
CA ILE B 228 7.93 19.78 14.61
C ILE B 228 7.14 18.52 14.98
N ALA B 229 7.15 17.54 14.08
CA ALA B 229 6.41 16.31 14.31
C ALA B 229 7.14 15.14 13.67
N CYS B 230 7.05 13.97 14.31
CA CYS B 230 7.61 12.77 13.73
C CYS B 230 6.78 12.34 12.51
N VAL B 231 7.41 11.54 11.65
CA VAL B 231 6.79 11.12 10.39
C VAL B 231 7.06 9.63 10.19
N GLY B 232 6.03 8.80 10.37
CA GLY B 232 6.09 7.41 9.96
C GLY B 232 5.40 7.25 8.63
N GLY B 233 4.09 7.53 8.60
CA GLY B 233 3.36 7.65 7.36
C GLY B 233 2.94 9.08 7.13
N GLY B 234 2.82 9.84 8.21
CA GLY B 234 2.58 11.26 8.15
C GLY B 234 1.23 11.76 8.64
N SER B 235 0.52 11.00 9.47
CA SER B 235 -0.79 11.44 9.94
C SER B 235 -0.70 12.51 11.02
N ASN B 236 0.14 12.30 12.04
CA ASN B 236 0.23 13.30 13.10
C ASN B 236 0.96 14.55 12.61
N ALA B 237 1.84 14.42 11.63
CA ALA B 237 2.54 15.59 11.10
C ALA B 237 1.62 16.44 10.24
N ILE B 238 0.87 15.81 9.33
CA ILE B 238 -0.03 16.58 8.48
C ILE B 238 -1.21 17.12 9.27
N GLY B 239 -1.58 16.46 10.37
CA GLY B 239 -2.61 17.00 11.23
C GLY B 239 -2.17 18.26 11.94
N MET B 240 -0.88 18.34 12.29
CA MET B 240 -0.32 19.56 12.86
C MET B 240 -0.06 20.60 11.79
N PHE B 241 0.44 20.18 10.62
CA PHE B 241 0.85 21.14 9.59
C PHE B 241 -0.33 21.82 8.93
N ALA B 242 -1.46 21.12 8.79
CA ALA B 242 -2.51 21.52 7.85
C ALA B 242 -2.94 22.97 8.04
N ASP B 243 -3.32 23.34 9.27
CA ASP B 243 -3.81 24.70 9.48
C ASP B 243 -2.70 25.75 9.47
N PHE B 244 -1.44 25.36 9.27
CA PHE B 244 -0.33 26.29 9.22
C PHE B 244 0.27 26.45 7.82
N ILE B 245 -0.23 25.69 6.83
CA ILE B 245 0.39 25.67 5.51
C ILE B 245 0.30 27.06 4.87
N ASN B 246 -0.88 27.67 4.93
CA ASN B 246 -1.04 29.02 4.40
C ASN B 246 -0.44 30.09 5.30
N ASP B 247 -0.02 29.74 6.52
CA ASP B 247 0.77 30.63 7.37
C ASP B 247 2.23 30.43 6.98
N THR B 248 2.67 31.19 5.97
CA THR B 248 3.99 30.95 5.38
C THR B 248 5.13 31.29 6.32
N SER B 249 4.89 32.11 7.34
CA SER B 249 5.95 32.41 8.31
C SER B 249 6.13 31.29 9.33
N VAL B 250 5.35 30.22 9.26
CA VAL B 250 5.44 29.11 10.20
C VAL B 250 6.26 27.99 9.56
N GLY B 251 7.34 27.61 10.22
CA GLY B 251 8.14 26.49 9.74
C GLY B 251 7.43 25.16 9.98
N LEU B 252 7.54 24.28 9.00
CA LEU B 252 6.95 22.94 9.07
C LEU B 252 8.11 21.94 9.01
N ILE B 253 8.44 21.34 10.14
CA ILE B 253 9.52 20.37 10.22
C ILE B 253 8.92 19.01 10.53
N GLY B 254 9.18 18.04 9.67
CA GLY B 254 8.82 16.65 9.90
C GLY B 254 10.09 15.85 10.14
N VAL B 255 10.01 14.91 11.08
CA VAL B 255 11.17 14.17 11.54
C VAL B 255 10.98 12.70 11.17
N GLU B 256 11.92 12.15 10.43
CA GLU B 256 11.89 10.76 10.03
C GLU B 256 12.85 9.94 10.89
N PRO B 257 12.57 8.65 11.09
CA PRO B 257 13.48 7.83 11.91
C PRO B 257 14.80 7.60 11.20
N GLY B 258 15.90 7.84 11.91
CA GLY B 258 17.22 7.59 11.39
C GLY B 258 17.79 6.24 11.73
N GLY B 259 17.14 5.49 12.61
CA GLY B 259 17.61 4.16 12.96
C GLY B 259 18.99 4.19 13.55
N HIS B 260 19.86 3.34 13.01
CA HIS B 260 21.27 3.30 13.40
C HIS B 260 22.12 4.30 12.64
N GLY B 261 21.50 5.23 11.93
CA GLY B 261 22.22 6.17 11.09
C GLY B 261 21.88 5.97 9.63
N ILE B 262 21.74 7.07 8.89
CA ILE B 262 21.35 6.99 7.48
C ILE B 262 22.40 6.24 6.67
N GLU B 263 23.68 6.57 6.89
CA GLU B 263 24.77 5.95 6.15
C GLU B 263 24.94 4.47 6.46
N THR B 264 24.18 3.93 7.41
CA THR B 264 24.22 2.49 7.69
C THR B 264 23.17 1.70 6.94
N GLY B 265 22.23 2.37 6.29
CA GLY B 265 21.13 1.71 5.62
C GLY B 265 19.99 1.27 6.51
N GLU B 266 20.21 1.14 7.81
CA GLU B 266 19.16 0.69 8.73
C GLU B 266 18.47 1.92 9.31
N HIS B 267 17.57 2.48 8.51
CA HIS B 267 16.82 3.67 8.90
C HIS B 267 15.39 3.53 8.38
N GLY B 268 14.63 4.61 8.48
CA GLY B 268 13.28 4.66 7.94
C GLY B 268 12.93 6.05 7.44
N ALA B 269 13.80 6.63 6.62
CA ALA B 269 13.62 7.99 6.10
C ALA B 269 13.56 7.95 4.58
N PRO B 270 12.47 7.44 4.00
CA PRO B 270 12.37 7.38 2.54
C PRO B 270 12.17 8.74 1.89
N LEU B 271 11.55 9.69 2.59
CA LEU B 271 11.28 10.99 1.99
C LEU B 271 12.58 11.71 1.62
N LYS B 272 13.62 11.56 2.44
CA LYS B 272 14.90 12.19 2.17
C LYS B 272 15.99 11.21 1.76
N HIS B 273 15.81 9.91 1.99
CA HIS B 273 16.86 8.95 1.67
C HIS B 273 16.29 7.67 1.08
N GLY B 274 15.12 7.75 0.46
CA GLY B 274 14.58 6.68 -0.34
C GLY B 274 14.60 7.01 -1.81
N ARG B 275 13.72 6.34 -2.55
CA ARG B 275 13.52 6.61 -3.97
C ARG B 275 12.05 6.51 -4.29
N VAL B 276 11.57 7.40 -5.15
CA VAL B 276 10.16 7.45 -5.47
C VAL B 276 9.76 6.19 -6.23
N GLY B 277 8.73 5.51 -5.75
CA GLY B 277 8.21 4.33 -6.41
C GLY B 277 6.69 4.34 -6.39
N ILE B 278 6.07 3.19 -6.68
CA ILE B 278 4.62 3.05 -6.65
C ILE B 278 4.29 1.79 -5.88
N TYR B 279 3.63 1.96 -4.74
CA TYR B 279 3.19 0.84 -3.90
C TYR B 279 2.19 1.39 -2.90
N PHE B 280 1.35 0.50 -2.38
CA PHE B 280 0.25 0.84 -1.48
C PHE B 280 -0.68 1.89 -2.09
N GLY B 281 -0.89 1.78 -3.40
CA GLY B 281 -1.85 2.64 -4.07
C GLY B 281 -1.41 4.06 -4.27
N MET B 282 -0.12 4.35 -4.20
CA MET B 282 0.34 5.73 -4.27
C MET B 282 1.75 5.79 -4.86
N LYS B 283 2.04 6.92 -5.51
CA LYS B 283 3.39 7.27 -5.94
C LYS B 283 4.00 8.17 -4.88
N ALA B 284 5.10 7.71 -4.27
CA ALA B 284 5.66 8.37 -3.11
C ALA B 284 7.09 7.88 -2.91
N PRO B 285 7.90 8.58 -2.11
CA PRO B 285 9.23 8.07 -1.75
C PRO B 285 9.11 6.82 -0.90
N MET B 286 9.97 5.83 -1.19
CA MET B 286 9.85 4.54 -0.56
C MET B 286 11.21 3.97 -0.21
N MET B 287 11.22 3.07 0.76
CA MET B 287 12.38 2.23 1.03
C MET B 287 12.35 1.06 0.04
N GLN B 288 13.32 1.00 -0.86
CA GLN B 288 13.30 -0.05 -1.85
C GLN B 288 14.71 -0.40 -2.29
N THR B 289 14.87 -1.61 -2.83
CA THR B 289 16.13 -2.08 -3.36
C THR B 289 16.39 -1.45 -4.73
N ALA B 290 17.57 -1.72 -5.28
CA ALA B 290 17.91 -1.21 -6.60
C ALA B 290 17.03 -1.80 -7.69
N ASP B 291 16.45 -2.98 -7.46
CA ASP B 291 15.60 -3.62 -8.45
C ASP B 291 14.12 -3.29 -8.31
N GLY B 292 13.75 -2.58 -7.25
CA GLY B 292 12.37 -2.18 -7.06
C GLY B 292 11.59 -2.96 -6.02
N GLN B 293 12.24 -3.84 -5.27
CA GLN B 293 11.56 -4.54 -4.17
C GLN B 293 11.55 -3.64 -2.94
N ILE B 294 10.39 -3.51 -2.32
CA ILE B 294 10.22 -2.57 -1.21
C ILE B 294 10.77 -3.20 0.08
N GLU B 295 11.63 -2.47 0.77
CA GLU B 295 12.22 -2.91 2.02
C GLU B 295 11.38 -2.46 3.21
N GLU B 296 11.85 -2.78 4.40
CA GLU B 296 11.21 -2.33 5.63
C GLU B 296 12.00 -1.19 6.25
N SER B 297 11.29 -0.28 6.91
CA SER B 297 11.95 0.77 7.67
C SER B 297 12.45 0.20 8.99
N TYR B 298 13.70 0.47 9.33
CA TYR B 298 14.20 0.17 10.66
C TYR B 298 14.10 1.41 11.54
N SER B 299 13.70 1.20 12.78
CA SER B 299 13.75 2.23 13.80
C SER B 299 13.58 1.57 15.16
N ILE B 300 14.19 2.17 16.17
CA ILE B 300 13.89 1.78 17.54
C ILE B 300 12.42 2.06 17.87
N SER B 301 11.80 2.95 17.11
CA SER B 301 10.40 3.29 17.27
C SER B 301 9.56 2.34 16.41
N ALA B 302 8.65 1.60 17.05
CA ALA B 302 7.83 0.65 16.31
C ALA B 302 6.82 1.37 15.43
N GLY B 303 6.30 2.51 15.89
CA GLY B 303 5.28 3.24 15.14
C GLY B 303 5.79 3.96 13.92
N LEU B 304 7.10 3.96 13.68
CA LEU B 304 7.70 4.60 12.51
C LEU B 304 8.26 3.56 11.55
N ASP B 305 7.56 2.44 11.40
CA ASP B 305 8.01 1.32 10.57
C ASP B 305 7.46 1.36 9.14
N PHE B 306 6.81 2.45 8.75
CA PHE B 306 6.18 2.51 7.44
C PHE B 306 7.23 2.73 6.36
N PRO B 307 7.36 1.83 5.37
CA PRO B 307 8.46 1.93 4.40
C PRO B 307 8.32 3.08 3.40
N SER B 308 7.27 3.89 3.49
CA SER B 308 7.11 5.04 2.61
C SER B 308 6.64 6.24 3.41
N VAL B 309 5.92 7.16 2.76
CA VAL B 309 5.52 8.41 3.39
C VAL B 309 4.34 8.96 2.61
N GLY B 310 3.50 9.73 3.31
CA GLY B 310 2.34 10.35 2.70
C GLY B 310 2.70 11.24 1.53
N PRO B 311 1.84 11.25 0.51
CA PRO B 311 2.17 12.02 -0.70
C PRO B 311 2.16 13.52 -0.48
N GLN B 312 1.30 14.03 0.41
CA GLN B 312 1.29 15.47 0.67
C GLN B 312 2.59 15.92 1.34
N HIS B 313 3.25 15.03 2.08
CA HIS B 313 4.56 15.35 2.63
C HIS B 313 5.61 15.45 1.54
N ALA B 314 5.61 14.49 0.61
CA ALA B 314 6.54 14.55 -0.52
C ALA B 314 6.30 15.81 -1.34
N TYR B 315 5.04 16.18 -1.54
CA TYR B 315 4.73 17.43 -2.24
C TYR B 315 5.21 18.64 -1.45
N LEU B 316 4.90 18.69 -0.15
CA LEU B 316 5.33 19.82 0.67
C LEU B 316 6.84 19.94 0.70
N ASN B 317 7.55 18.83 0.61
CA ASN B 317 9.01 18.89 0.58
C ASN B 317 9.52 19.40 -0.76
N SER B 318 8.96 18.92 -1.86
CA SER B 318 9.49 19.28 -3.18
C SER B 318 9.34 20.78 -3.45
N ILE B 319 8.32 21.42 -2.88
CA ILE B 319 8.12 22.86 -3.09
C ILE B 319 8.77 23.71 -2.00
N GLY B 320 9.43 23.09 -1.02
CA GLY B 320 10.08 23.85 0.03
C GLY B 320 9.17 24.42 1.08
N ARG B 321 7.89 24.03 1.11
CA ARG B 321 6.99 24.54 2.15
C ARG B 321 7.29 23.93 3.51
N ALA B 322 7.71 22.66 3.54
CA ALA B 322 8.09 21.99 4.77
C ALA B 322 9.49 21.40 4.61
N ASP B 323 10.18 21.25 5.73
CA ASP B 323 11.51 20.67 5.77
C ASP B 323 11.48 19.37 6.56
N TYR B 324 12.26 18.39 6.13
CA TYR B 324 12.22 17.06 6.73
C TYR B 324 13.63 16.63 7.10
N VAL B 325 13.83 16.32 8.38
CA VAL B 325 15.13 15.93 8.90
C VAL B 325 15.00 14.52 9.48
N SER B 326 16.12 13.96 9.95
CA SER B 326 16.10 12.63 10.54
C SER B 326 16.78 12.67 11.90
N ILE B 327 16.36 11.76 12.77
CA ILE B 327 16.84 11.64 14.13
C ILE B 327 17.15 10.17 14.39
N THR B 328 18.34 9.90 14.91
CA THR B 328 18.77 8.52 15.11
C THR B 328 18.06 7.90 16.31
N ASP B 329 18.36 6.62 16.57
CA ASP B 329 17.80 5.95 17.74
C ASP B 329 18.34 6.55 19.02
N ASP B 330 19.64 6.86 19.07
CA ASP B 330 20.23 7.38 20.29
C ASP B 330 19.78 8.81 20.56
N GLU B 331 19.54 9.60 19.52
CA GLU B 331 19.05 10.96 19.73
C GLU B 331 17.65 10.95 20.32
N ALA B 332 16.77 10.09 19.78
CA ALA B 332 15.41 10.00 20.31
C ALA B 332 15.40 9.42 21.72
N LEU B 333 16.29 8.46 22.00
CA LEU B 333 16.39 7.90 23.34
C LEU B 333 16.80 8.96 24.35
N GLU B 334 17.78 9.80 24.00
CA GLU B 334 18.18 10.88 24.91
C GLU B 334 17.03 11.86 25.12
N ALA B 335 16.28 12.16 24.05
CA ALA B 335 15.09 12.99 24.20
C ALA B 335 14.04 12.32 25.06
N PHE B 336 13.93 10.99 24.97
CA PHE B 336 13.02 10.25 25.84
C PHE B 336 13.38 10.45 27.31
N LYS B 337 14.65 10.24 27.65
CA LYS B 337 15.07 10.38 29.05
C LYS B 337 15.01 11.82 29.52
N THR B 338 15.28 12.78 28.64
CA THR B 338 15.31 14.19 29.06
C THR B 338 13.92 14.70 29.41
N LEU B 339 12.90 14.31 28.64
CA LEU B 339 11.55 14.79 28.94
C LEU B 339 11.01 14.17 30.22
N CYS B 340 11.48 12.98 30.59
CA CYS B 340 11.02 12.32 31.81
C CYS B 340 11.53 13.02 33.05
N ARG B 341 12.83 13.32 33.10
CA ARG B 341 13.43 13.90 34.29
C ARG B 341 13.03 15.36 34.45
N HIS B 342 12.83 16.08 33.35
CA HIS B 342 12.68 17.53 33.41
C HIS B 342 11.24 18.00 33.29
N GLU B 343 10.32 17.14 32.83
CA GLU B 343 8.92 17.52 32.71
C GLU B 343 7.95 16.49 33.26
N GLY B 344 8.41 15.32 33.68
CA GLY B 344 7.51 14.31 34.19
C GLY B 344 6.57 13.73 33.16
N ILE B 345 6.93 13.80 31.88
CA ILE B 345 6.12 13.26 30.80
C ILE B 345 6.93 12.19 30.09
N ILE B 346 6.42 10.96 30.10
CA ILE B 346 7.05 9.87 29.38
C ILE B 346 6.51 9.88 27.95
N PRO B 347 7.28 10.32 26.97
CA PRO B 347 6.77 10.40 25.61
C PRO B 347 6.95 9.09 24.87
N ALA B 348 6.15 8.93 23.81
CA ALA B 348 6.34 7.80 22.92
C ALA B 348 7.68 7.92 22.21
N LEU B 349 8.32 6.77 21.95
CA LEU B 349 9.56 6.80 21.18
C LEU B 349 9.35 7.41 19.80
N GLU B 350 8.13 7.35 19.28
CA GLU B 350 7.80 8.06 18.04
C GLU B 350 7.97 9.56 18.23
N SER B 351 7.19 10.16 19.13
CA SER B 351 7.23 11.60 19.35
C SER B 351 8.57 12.07 19.89
N SER B 352 9.38 11.17 20.46
CA SER B 352 10.70 11.59 20.94
C SER B 352 11.59 12.02 19.79
N HIS B 353 11.36 11.50 18.58
CA HIS B 353 12.11 11.95 17.42
C HIS B 353 11.84 13.42 17.13
N ALA B 354 10.57 13.83 17.22
CA ALA B 354 10.24 15.25 17.06
C ALA B 354 10.90 16.10 18.14
N LEU B 355 10.78 15.66 19.39
CA LEU B 355 11.40 16.40 20.50
C LEU B 355 12.92 16.43 20.36
N ALA B 356 13.52 15.32 19.93
CA ALA B 356 14.97 15.26 19.78
C ALA B 356 15.47 16.33 18.82
N HIS B 357 14.78 16.51 17.70
CA HIS B 357 15.21 17.56 16.77
C HIS B 357 14.99 18.95 17.36
N ALA B 358 13.93 19.12 18.17
CA ALA B 358 13.71 20.40 18.82
C ALA B 358 14.82 20.70 19.82
N LEU B 359 15.26 19.69 20.56
CA LEU B 359 16.40 19.88 21.46
C LEU B 359 17.66 20.22 20.67
N LYS B 360 17.81 19.63 19.48
CA LYS B 360 18.95 19.94 18.62
C LYS B 360 18.91 21.40 18.19
N MET B 361 17.75 21.87 17.72
CA MET B 361 17.61 23.27 17.34
C MET B 361 17.91 24.19 18.51
N MET B 362 17.46 23.80 19.71
CA MET B 362 17.66 24.62 20.89
C MET B 362 19.11 24.58 21.36
N ARG B 363 19.74 23.41 21.31
CA ARG B 363 21.09 23.27 21.86
C ARG B 363 22.16 23.83 20.93
N GLU B 364 22.01 23.62 19.61
CA GLU B 364 23.04 24.05 18.69
C GLU B 364 23.12 25.57 18.59
N GLN B 365 21.98 26.25 18.77
CA GLN B 365 21.92 27.71 18.74
C GLN B 365 21.16 28.17 19.99
N PRO B 366 21.83 28.16 21.15
CA PRO B 366 21.10 28.42 22.41
C PRO B 366 20.69 29.87 22.61
N GLU B 367 21.34 30.81 21.95
CA GLU B 367 20.98 32.21 22.07
C GLU B 367 20.00 32.67 20.99
N LYS B 368 19.50 31.73 20.19
CA LYS B 368 18.49 32.04 19.18
C LYS B 368 17.12 32.11 19.84
N GLU B 369 16.43 33.24 19.70
CA GLU B 369 15.08 33.38 20.22
C GLU B 369 14.09 32.73 19.27
N GLN B 370 13.44 31.67 19.73
CA GLN B 370 12.52 30.93 18.88
C GLN B 370 11.40 30.33 19.71
N LEU B 371 10.20 30.28 19.11
CA LEU B 371 9.01 29.68 19.71
C LEU B 371 8.66 28.42 18.93
N LEU B 372 8.87 27.26 19.54
CA LEU B 372 8.70 25.98 18.89
C LEU B 372 7.57 25.20 19.54
N VAL B 373 6.79 24.50 18.73
CA VAL B 373 5.77 23.58 19.21
C VAL B 373 6.09 22.19 18.65
N VAL B 374 6.18 21.21 19.54
CA VAL B 374 6.43 19.83 19.17
C VAL B 374 5.16 19.04 19.40
N ASN B 375 4.71 18.31 18.39
CA ASN B 375 3.52 17.48 18.52
C ASN B 375 3.89 16.21 19.26
N LEU B 376 3.45 16.11 20.52
CA LEU B 376 3.67 14.90 21.32
C LEU B 376 2.59 13.90 20.97
N SER B 377 2.86 13.10 19.94
CA SER B 377 1.84 12.28 19.30
C SER B 377 1.41 11.08 20.13
N GLY B 378 2.06 10.81 21.26
CA GLY B 378 1.68 9.65 22.06
C GLY B 378 2.51 9.56 23.33
N ARG B 379 1.95 8.84 24.30
CA ARG B 379 2.66 8.57 25.53
C ARG B 379 3.61 7.38 25.34
N GLY B 380 4.56 7.26 26.25
CA GLY B 380 5.60 6.26 26.14
C GLY B 380 5.53 5.08 27.10
N ASP B 381 4.41 4.89 27.79
CA ASP B 381 4.30 3.77 28.70
C ASP B 381 4.46 2.44 27.98
N LYS B 382 4.11 2.40 26.69
CA LYS B 382 4.32 1.19 25.89
C LYS B 382 5.79 0.93 25.59
N ASP B 383 6.65 1.94 25.77
CA ASP B 383 8.06 1.84 25.40
C ASP B 383 8.99 1.65 26.59
N ILE B 384 8.49 1.68 27.82
CA ILE B 384 9.38 1.61 28.98
C ILE B 384 10.09 0.27 29.03
N PHE B 385 9.51 -0.77 28.45
CA PHE B 385 10.17 -2.08 28.45
C PHE B 385 11.33 -2.10 27.47
N THR B 386 11.14 -1.55 26.27
CA THR B 386 12.23 -1.49 25.30
C THR B 386 13.32 -0.53 25.77
N VAL B 387 12.94 0.61 26.33
CA VAL B 387 13.93 1.53 26.90
C VAL B 387 14.70 0.87 28.03
N HIS B 388 14.03 0.02 28.82
CA HIS B 388 14.71 -0.67 29.91
C HIS B 388 15.77 -1.63 29.39
N ASP B 389 15.41 -2.48 28.42
CA ASP B 389 16.34 -3.51 27.96
C ASP B 389 17.57 -2.91 27.30
N ILE B 390 17.43 -1.76 26.64
CA ILE B 390 18.57 -1.13 26.00
C ILE B 390 19.49 -0.50 27.04
N LEU B 391 18.92 0.20 28.02
CA LEU B 391 19.73 0.78 29.08
C LEU B 391 20.26 -0.28 30.04
N LYS B 392 19.68 -1.48 30.03
CA LYS B 392 20.26 -2.59 30.77
C LYS B 392 21.38 -3.26 30.00
N ALA B 393 21.32 -3.22 28.67
CA ALA B 393 22.36 -3.84 27.85
C ALA B 393 23.59 -2.95 27.71
N ARG B 394 23.42 -1.64 27.71
CA ARG B 394 24.54 -0.71 27.62
C ARG B 394 25.14 -0.54 29.01
N GLY B 395 26.04 -1.46 29.36
CA GLY B 395 26.65 -1.46 30.68
C GLY B 395 26.10 -2.54 31.57
N1 PLP C . 3.36 8.65 16.94
C2 PLP C . 2.75 7.59 17.59
C2A PLP C . 2.52 7.63 19.07
C3 PLP C . 2.35 6.46 16.87
O3 PLP C . 1.74 5.41 17.50
C4 PLP C . 2.53 6.39 15.49
C4A PLP C . 1.47 5.63 14.75
C5 PLP C . 3.17 7.45 14.85
C6 PLP C . 3.57 8.57 15.57
C5A PLP C . 3.40 7.42 13.36
O4P PLP C . 2.18 7.79 12.78
P PLP C . 2.07 8.85 11.60
O1P PLP C . 1.37 10.09 12.12
O2P PLP C . 3.44 9.22 11.09
O3P PLP C . 1.25 8.24 10.48
CS CS D . 8.94 6.33 7.35
N SER E . 1.81 2.20 15.33
CA SER E . 1.10 2.03 14.06
C SER E . 0.47 0.65 13.91
O SER E . 0.28 -0.10 14.85
CB SER E . 2.05 2.29 12.88
OG SER E . 1.94 3.63 12.44
OXT SER E . 0.11 0.29 12.79
CL CL F . -9.36 18.06 27.99
CL CL G . -8.93 25.46 21.67
#